data_4J4L
#
_entry.id   4J4L
#
_cell.length_a   46.319
_cell.length_b   134.001
_cell.length_c   148.722
_cell.angle_alpha   90.00
_cell.angle_beta   90.00
_cell.angle_gamma   90.00
#
_symmetry.space_group_name_H-M   'P 21 21 21'
#
loop_
_entity.id
_entity.type
_entity.pdbx_description
1 polymer 'Internalin B,REPEAT MODULES,Variable lymphocyte receptor B'
2 polymer Interleukin-6
3 water water
#
loop_
_entity_poly.entity_id
_entity_poly.type
_entity_poly.pdbx_seq_one_letter_code
_entity_poly.pdbx_strand_id
1 'polypeptide(L)'
;PIKQIFPDDAFAETIKANLKKKSVTDAVTQNELNSIDQIIANNSDIKSVQGIQYLPNVRYLALGGNKLHDISALKELTNL
TYLTLEPNQLQSLPNGVFDKLTNLKELQLWANQLQSLPDGVFDKLTNLTYLNLAFNQLQSLPKGVFDKLTNLTELDLSYN
QLQSLPKGVFDKLTQLKDLRLYQNQLKSVPDGVFDRLTSLQYIWLHDNPWDCTCPGIRYLSEWINKHSGVVRNSAGSVAP
DSAKCSGSGKPVRSIICPTLEHHHHHH
;
A,B
2 'polypeptide(L)'
;GSLTSSERIDKQIRYILDGISALRKETCNKSNMCESSKEALAENNLNLPKMAEKDGCFQSGFNEETCLVKIITGLLEFEV
YLEYLQNRFESSEEQARAVQMSTKVLIQFLQKKAKNLDAITTPDPTTNASLLTKLQAQNQWLQDMTTHLILRSFKEFLQS
SLRALRQM
;
C,D
#
# COMPACT_ATOMS: atom_id res chain seq x y z
N PRO A 1 22.69 21.16 -16.57
CA PRO A 1 23.23 21.16 -15.20
C PRO A 1 22.13 21.13 -14.18
N ILE A 2 22.46 20.69 -12.98
CA ILE A 2 21.48 20.50 -11.91
C ILE A 2 20.55 21.70 -11.68
N LYS A 3 21.15 22.89 -11.66
CA LYS A 3 20.42 24.11 -11.36
C LYS A 3 19.44 24.44 -12.46
N GLN A 4 19.73 23.95 -13.68
CA GLN A 4 18.77 24.11 -14.76
C GLN A 4 17.63 23.15 -14.53
N ILE A 5 17.93 21.91 -14.19
CA ILE A 5 16.88 20.92 -14.07
C ILE A 5 16.01 21.25 -12.89
N PHE A 6 16.65 21.64 -11.79
CA PHE A 6 15.91 21.91 -10.58
C PHE A 6 16.09 23.37 -10.28
N PRO A 7 15.13 24.18 -10.72
CA PRO A 7 15.25 25.65 -10.70
C PRO A 7 15.26 26.26 -9.30
N ASP A 8 14.50 25.71 -8.37
CA ASP A 8 14.59 26.10 -6.95
C ASP A 8 16.02 25.91 -6.37
N ASP A 9 16.56 26.98 -5.75
CA ASP A 9 17.93 27.06 -5.17
C ASP A 9 18.21 25.99 -4.14
N ALA A 10 17.28 25.83 -3.20
CA ALA A 10 17.47 24.85 -2.15
C ALA A 10 17.24 23.42 -2.65
N PHE A 11 16.25 23.25 -3.51
CA PHE A 11 16.02 21.92 -4.08
C PHE A 11 17.27 21.53 -4.86
N ALA A 12 17.94 22.45 -5.56
CA ALA A 12 19.18 22.08 -6.27
C ALA A 12 20.34 21.60 -5.36
N GLU A 13 20.46 22.24 -4.20
CA GLU A 13 21.43 21.80 -3.16
C GLU A 13 21.08 20.41 -2.61
N THR A 14 19.80 20.16 -2.35
CA THR A 14 19.34 18.82 -1.90
C THR A 14 19.82 17.76 -2.88
N ILE A 15 19.53 17.94 -4.18
CA ILE A 15 19.89 16.95 -5.16
C ILE A 15 21.40 16.82 -5.26
N LYS A 16 22.12 17.96 -5.26
CA LYS A 16 23.61 17.99 -5.34
C LYS A 16 24.26 17.16 -4.24
N ALA A 17 23.78 17.37 -3.03
CA ALA A 17 24.22 16.62 -1.90
C ALA A 17 23.73 15.17 -2.06
N ASN A 18 22.49 14.97 -2.54
CA ASN A 18 21.99 13.60 -2.70
C ASN A 18 22.95 12.78 -3.62
N LEU A 19 23.56 13.42 -4.62
CA LEU A 19 24.38 12.73 -5.62
C LEU A 19 25.90 12.83 -5.42
N LYS A 20 26.33 13.53 -4.38
CA LYS A 20 27.75 13.69 -4.07
C LYS A 20 28.49 14.55 -5.11
N LYS A 21 27.78 15.52 -5.68
CA LYS A 21 28.33 16.46 -6.67
C LYS A 21 29.10 17.60 -6.01
N LYS A 22 29.93 18.31 -6.79
CA LYS A 22 30.69 19.44 -6.22
C LYS A 22 30.06 20.81 -6.34
N SER A 23 29.26 21.03 -7.39
CA SER A 23 28.40 22.20 -7.45
C SER A 23 27.09 22.02 -8.19
N VAL A 24 26.19 22.98 -8.03
CA VAL A 24 24.87 22.93 -8.59
C VAL A 24 24.94 23.21 -10.12
N THR A 25 26.15 23.50 -10.61
CA THR A 25 26.34 23.69 -12.02
C THR A 25 26.89 22.44 -12.70
N ASP A 26 27.18 21.40 -11.92
CA ASP A 26 27.59 20.06 -12.46
C ASP A 26 26.50 19.46 -13.37
N ALA A 27 26.93 18.75 -14.41
CA ALA A 27 25.99 18.05 -15.27
C ALA A 27 25.63 16.76 -14.56
N VAL A 28 24.48 16.20 -14.94
CA VAL A 28 24.05 14.90 -14.42
C VAL A 28 23.70 13.90 -15.53
N THR A 29 23.99 12.61 -15.29
CA THR A 29 23.70 11.57 -16.29
C THR A 29 22.25 11.05 -16.18
N GLN A 30 21.80 10.37 -17.22
CA GLN A 30 20.53 9.67 -17.10
C GLN A 30 20.56 8.60 -16.03
N ASN A 31 21.71 7.97 -15.78
CA ASN A 31 21.96 7.02 -14.67
C ASN A 31 21.77 7.59 -13.27
N GLU A 32 22.38 8.76 -13.02
CA GLU A 32 22.28 9.47 -11.75
C GLU A 32 20.82 9.81 -11.47
N LEU A 33 20.14 10.46 -12.39
CA LEU A 33 18.72 10.77 -12.22
C LEU A 33 17.86 9.51 -12.02
N ASN A 34 18.13 8.47 -12.82
CA ASN A 34 17.33 7.22 -12.77
C ASN A 34 17.46 6.52 -11.46
N SER A 35 18.60 6.66 -10.80
CA SER A 35 18.84 5.91 -9.59
C SER A 35 18.55 6.58 -8.23
N ILE A 36 18.10 7.82 -8.15
CA ILE A 36 17.69 8.42 -6.86
C ILE A 36 16.38 7.71 -6.50
N ASP A 37 16.35 7.01 -5.36
CA ASP A 37 15.03 6.52 -4.89
C ASP A 37 14.57 7.09 -3.54
N GLN A 38 15.43 7.89 -2.94
CA GLN A 38 15.14 8.49 -1.67
C GLN A 38 15.58 9.93 -1.64
N ILE A 39 14.66 10.85 -1.32
CA ILE A 39 14.98 12.25 -1.13
C ILE A 39 14.55 12.70 0.28
N ILE A 40 15.47 13.33 1.00
CA ILE A 40 15.27 13.74 2.39
C ILE A 40 15.40 15.25 2.49
N ALA A 41 14.29 15.95 2.61
CA ALA A 41 14.40 17.39 2.53
C ALA A 41 13.27 17.99 3.33
N ASN A 42 13.11 17.51 4.55
CA ASN A 42 12.23 18.20 5.49
C ASN A 42 12.99 19.37 6.14
N ASN A 43 12.27 20.30 6.75
CA ASN A 43 12.91 21.55 7.28
C ASN A 43 13.95 22.13 6.38
N SER A 44 13.57 22.31 5.12
CA SER A 44 14.43 22.95 4.12
C SER A 44 13.87 24.34 3.76
N ASP A 45 14.62 25.08 2.98
CA ASP A 45 14.10 26.32 2.42
C ASP A 45 13.57 26.18 0.96
N ILE A 46 13.02 25.02 0.59
CA ILE A 46 12.54 24.79 -0.76
C ILE A 46 11.22 25.49 -0.96
N LYS A 47 11.07 26.26 -2.04
CA LYS A 47 9.71 26.78 -2.39
C LYS A 47 9.02 25.93 -3.47
N SER A 48 9.76 25.26 -4.33
CA SER A 48 9.16 24.50 -5.40
C SER A 48 9.98 23.28 -5.72
N VAL A 49 9.32 22.14 -5.97
CA VAL A 49 10.04 20.93 -6.39
C VAL A 49 10.02 20.64 -7.91
N GLN A 50 9.76 21.68 -8.69
CA GLN A 50 9.78 21.58 -10.15
C GLN A 50 11.08 20.90 -10.51
N GLY A 51 11.01 19.85 -11.33
CA GLY A 51 12.23 19.14 -11.68
C GLY A 51 12.16 17.76 -11.12
N ILE A 52 11.41 17.62 -10.04
CA ILE A 52 11.27 16.32 -9.39
C ILE A 52 10.69 15.30 -10.33
N GLN A 53 9.97 15.76 -11.34
CA GLN A 53 9.29 14.80 -12.24
C GLN A 53 10.28 14.07 -13.14
N TYR A 54 11.48 14.63 -13.30
CA TYR A 54 12.65 13.96 -13.88
C TYR A 54 13.34 12.89 -13.01
N LEU A 55 12.68 12.48 -11.91
CA LEU A 55 13.25 11.54 -10.97
C LEU A 55 12.20 10.44 -10.80
N PRO A 56 11.95 9.68 -11.87
CA PRO A 56 10.84 8.71 -11.86
C PRO A 56 10.84 7.65 -10.74
N ASN A 57 12.02 7.18 -10.28
CA ASN A 57 12.11 6.08 -9.28
C ASN A 57 12.19 6.47 -7.74
N VAL A 58 11.67 7.63 -7.37
CA VAL A 58 11.71 8.09 -6.01
C VAL A 58 10.61 7.28 -5.32
N ARG A 59 10.98 6.55 -4.27
CA ARG A 59 10.06 5.69 -3.52
C ARG A 59 9.84 6.31 -2.14
N TYR A 60 10.87 7.01 -1.65
CA TYR A 60 10.93 7.53 -0.35
C TYR A 60 11.12 9.03 -0.42
N LEU A 61 10.15 9.79 0.05
CA LEU A 61 10.27 11.21 0.02
C LEU A 61 9.88 11.85 1.33
N ALA A 62 10.79 12.70 1.86
CA ALA A 62 10.44 13.61 2.96
C ALA A 62 10.64 15.04 2.49
N LEU A 63 9.56 15.84 2.57
CA LEU A 63 9.57 17.20 1.94
C LEU A 63 8.80 18.19 2.75
N GLY A 64 9.39 19.33 2.98
CA GLY A 64 8.67 20.27 3.84
C GLY A 64 9.48 21.45 4.26
N GLY A 65 8.82 22.43 4.88
CA GLY A 65 9.49 23.64 5.36
C GLY A 65 8.67 24.92 5.25
N ASN A 66 9.19 26.00 5.83
CA ASN A 66 8.46 27.29 5.91
C ASN A 66 7.92 27.86 4.58
N LYS A 67 8.71 27.71 3.52
CA LYS A 67 8.56 28.46 2.28
C LYS A 67 7.89 27.68 1.18
N LEU A 68 7.59 26.40 1.43
CA LEU A 68 7.09 25.50 0.39
C LEU A 68 5.62 25.73 0.08
N HIS A 69 5.29 25.92 -1.20
CA HIS A 69 3.89 25.91 -1.66
C HIS A 69 3.71 25.13 -2.89
N ASP A 70 4.78 25.03 -3.67
CA ASP A 70 4.61 24.44 -4.98
C ASP A 70 5.00 22.98 -5.03
N ILE A 71 4.00 22.14 -4.79
CA ILE A 71 4.18 20.72 -4.82
C ILE A 71 3.43 20.03 -5.95
N SER A 72 3.00 20.82 -6.94
CA SER A 72 2.23 20.28 -8.09
C SER A 72 2.94 19.13 -8.80
N ALA A 73 4.26 19.20 -8.81
CA ALA A 73 5.10 18.22 -9.49
C ALA A 73 5.21 16.87 -8.81
N LEU A 74 4.53 16.66 -7.68
CA LEU A 74 4.55 15.34 -7.01
C LEU A 74 3.69 14.29 -7.69
N LYS A 75 2.67 14.79 -8.40
CA LYS A 75 1.54 14.02 -8.91
C LYS A 75 1.90 12.83 -9.75
N GLU A 76 2.98 12.89 -10.51
CA GLU A 76 3.31 11.72 -11.31
C GLU A 76 4.47 10.87 -10.81
N LEU A 77 4.75 10.87 -9.49
CA LEU A 77 5.70 9.90 -8.92
C LEU A 77 4.98 8.58 -8.49
N THR A 78 4.58 7.82 -9.49
CA THR A 78 3.70 6.66 -9.32
C THR A 78 4.38 5.58 -8.48
N ASN A 79 5.69 5.64 -8.36
CA ASN A 79 6.45 4.78 -7.45
C ASN A 79 6.52 5.22 -5.97
N LEU A 80 6.08 6.43 -5.62
CA LEU A 80 6.16 6.92 -4.22
C LEU A 80 5.49 5.96 -3.19
N THR A 81 6.29 5.39 -2.27
CA THR A 81 5.76 4.45 -1.28
C THR A 81 5.60 5.08 0.12
N TYR A 82 6.56 5.95 0.48
CA TYR A 82 6.64 6.53 1.78
C TYR A 82 6.78 7.99 1.55
N LEU A 83 5.79 8.73 2.00
CA LEU A 83 5.74 10.12 1.80
C LEU A 83 5.44 10.88 3.11
N THR A 84 6.34 11.82 3.40
CA THR A 84 6.19 12.77 4.50
C THR A 84 6.27 14.16 3.90
N LEU A 85 5.20 14.92 4.09
CA LEU A 85 4.92 16.19 3.44
C LEU A 85 4.55 17.19 4.47
N GLU A 86 5.35 18.24 4.58
CA GLU A 86 5.18 19.24 5.64
C GLU A 86 5.30 20.68 5.08
N PRO A 87 4.32 21.08 4.26
CA PRO A 87 4.38 22.46 3.76
C PRO A 87 3.80 23.38 4.78
N ASN A 88 4.66 24.01 5.57
CA ASN A 88 4.21 24.80 6.69
C ASN A 88 3.13 25.89 6.37
N GLN A 89 3.39 26.74 5.38
CA GLN A 89 2.49 27.84 4.99
C GLN A 89 1.34 27.52 3.99
N LEU A 90 1.38 26.37 3.34
CA LEU A 90 0.38 25.97 2.35
C LEU A 90 -1.07 25.92 2.81
N GLN A 91 -1.96 26.45 1.97
CA GLN A 91 -3.36 26.62 2.31
C GLN A 91 -4.34 25.78 1.56
N SER A 92 -3.93 25.29 0.39
CA SER A 92 -4.80 24.50 -0.41
C SER A 92 -4.01 23.39 -1.10
N LEU A 93 -4.44 22.15 -0.90
CA LEU A 93 -3.86 21.03 -1.63
C LEU A 93 -4.28 21.16 -3.08
N PRO A 94 -3.31 21.06 -4.01
CA PRO A 94 -3.66 21.09 -5.42
C PRO A 94 -4.65 19.98 -5.73
N ASN A 95 -5.63 20.32 -6.57
CA ASN A 95 -6.70 19.40 -6.95
C ASN A 95 -6.14 18.03 -7.24
N GLY A 96 -6.54 17.07 -6.41
CA GLY A 96 -6.14 15.67 -6.59
C GLY A 96 -4.66 15.32 -6.54
N VAL A 97 -3.91 15.96 -5.63
CA VAL A 97 -2.44 15.75 -5.49
C VAL A 97 -2.08 14.27 -5.44
N PHE A 98 -2.82 13.51 -4.63
CA PHE A 98 -2.51 12.10 -4.35
C PHE A 98 -3.19 11.08 -5.29
N ASP A 99 -3.94 11.55 -6.27
CA ASP A 99 -4.70 10.65 -7.13
C ASP A 99 -3.91 9.60 -7.90
N LYS A 100 -2.77 9.94 -8.45
CA LYS A 100 -2.02 8.91 -9.17
C LYS A 100 -0.98 8.11 -8.35
N LEU A 101 -0.95 8.33 -7.03
CA LEU A 101 0.11 7.74 -6.18
C LEU A 101 -0.41 6.53 -5.40
N THR A 102 -0.87 5.54 -6.13
CA THR A 102 -1.55 4.41 -5.56
C THR A 102 -0.68 3.33 -4.87
N ASN A 103 0.65 3.33 -5.06
CA ASN A 103 1.49 2.42 -4.26
C ASN A 103 1.86 2.96 -2.83
N LEU A 104 1.37 4.15 -2.47
CA LEU A 104 1.65 4.77 -1.15
C LEU A 104 1.28 3.84 0.00
N LYS A 105 2.23 3.57 0.89
CA LYS A 105 1.99 2.73 2.06
C LYS A 105 1.81 3.58 3.31
N GLU A 106 2.59 4.67 3.34
CA GLU A 106 2.78 5.49 4.52
C GLU A 106 2.78 6.95 4.19
N LEU A 107 1.82 7.64 4.76
CA LEU A 107 1.62 8.98 4.40
C LEU A 107 1.59 9.80 5.70
N GLN A 108 2.49 10.78 5.84
CA GLN A 108 2.44 11.74 6.91
C GLN A 108 2.21 13.13 6.36
N LEU A 109 1.14 13.77 6.76
CA LEU A 109 0.81 15.00 6.13
C LEU A 109 0.61 16.04 7.22
N TRP A 110 1.53 16.97 7.32
CA TRP A 110 1.53 17.89 8.44
C TRP A 110 1.49 19.26 7.83
N ALA A 111 0.29 19.84 7.72
CA ALA A 111 0.12 21.09 6.97
C ALA A 111 -0.83 21.95 7.73
N ASN A 112 -0.26 22.72 8.64
CA ASN A 112 -1.04 23.27 9.75
C ASN A 112 -1.78 24.55 9.40
N GLN A 113 -1.47 25.15 8.26
CA GLN A 113 -2.19 26.33 7.83
C GLN A 113 -3.27 25.95 6.81
N LEU A 114 -3.57 24.66 6.71
CA LEU A 114 -4.51 24.16 5.70
C LEU A 114 -5.93 24.21 6.22
N GLN A 115 -6.10 23.65 7.42
CA GLN A 115 -7.34 23.70 8.22
C GLN A 115 -8.54 22.86 7.76
N SER A 116 -8.76 22.76 6.44
CA SER A 116 -9.79 21.83 5.93
C SER A 116 -9.22 20.86 4.90
N LEU A 117 -9.59 19.59 5.05
CA LEU A 117 -9.24 18.53 4.12
C LEU A 117 -10.30 18.43 3.07
N PRO A 118 -9.90 18.48 1.78
CA PRO A 118 -10.86 18.42 0.69
C PRO A 118 -11.42 17.01 0.57
N ASP A 119 -12.71 16.87 0.30
CA ASP A 119 -13.27 15.53 0.24
C ASP A 119 -12.79 14.79 -1.02
N GLY A 120 -12.59 13.49 -0.86
CA GLY A 120 -12.03 12.65 -1.92
C GLY A 120 -10.52 12.46 -1.82
N VAL A 121 -9.85 13.33 -1.04
CA VAL A 121 -8.36 13.48 -1.04
C VAL A 121 -7.60 12.18 -0.79
N PHE A 122 -8.17 11.28 -0.02
CA PHE A 122 -7.44 10.05 0.19
C PHE A 122 -8.06 8.86 -0.58
N ASP A 123 -9.00 9.12 -1.50
CA ASP A 123 -9.78 8.03 -2.10
C ASP A 123 -9.01 7.07 -3.01
N LYS A 124 -7.89 7.51 -3.55
CA LYS A 124 -7.13 6.65 -4.41
C LYS A 124 -6.04 5.86 -3.68
N LEU A 125 -5.76 6.19 -2.42
CA LEU A 125 -4.68 5.54 -1.64
C LEU A 125 -5.09 4.23 -0.98
N THR A 126 -5.40 3.21 -1.76
CA THR A 126 -5.98 2.01 -1.18
C THR A 126 -4.91 1.10 -0.58
N ASN A 127 -3.65 1.42 -0.82
CA ASN A 127 -2.64 0.57 -0.24
C ASN A 127 -2.07 1.14 1.07
N LEU A 128 -2.58 2.30 1.55
CA LEU A 128 -2.10 2.90 2.80
C LEU A 128 -2.21 1.95 3.97
N THR A 129 -1.08 1.61 4.57
CA THR A 129 -1.21 0.99 5.86
C THR A 129 -1.09 1.94 7.04
N TYR A 130 -0.74 3.21 6.82
CA TYR A 130 -0.38 4.10 7.93
C TYR A 130 -0.60 5.55 7.51
N LEU A 131 -1.49 6.24 8.22
CA LEU A 131 -1.80 7.61 7.87
C LEU A 131 -1.62 8.48 9.11
N ASN A 132 -0.90 9.57 8.97
CA ASN A 132 -0.65 10.45 10.09
C ASN A 132 -1.07 11.83 9.74
N LEU A 133 -2.16 12.29 10.33
CA LEU A 133 -2.60 13.64 10.10
C LEU A 133 -2.57 14.47 11.38
N ALA A 134 -1.62 14.17 12.24
CA ALA A 134 -1.31 14.97 13.46
C ALA A 134 -0.90 16.41 13.13
N PHE A 135 -1.09 17.33 14.07
CA PHE A 135 -0.47 18.63 14.01
C PHE A 135 -1.12 19.56 12.97
N ASN A 136 -2.22 19.15 12.36
CA ASN A 136 -2.96 20.02 11.48
C ASN A 136 -3.82 20.78 12.45
N GLN A 137 -4.74 21.61 12.07
CA GLN A 137 -5.49 22.14 13.25
C GLN A 137 -6.96 21.87 13.12
N LEU A 138 -7.21 20.63 12.75
CA LEU A 138 -8.48 20.23 12.22
C LEU A 138 -9.60 20.36 13.25
N GLN A 139 -10.63 21.10 12.86
CA GLN A 139 -11.83 21.19 13.68
C GLN A 139 -12.81 20.09 13.43
N SER A 140 -12.78 19.53 12.22
CA SER A 140 -13.67 18.46 11.84
C SER A 140 -13.05 17.60 10.76
N LEU A 141 -13.60 16.41 10.58
CA LEU A 141 -13.22 15.55 9.47
C LEU A 141 -14.37 15.55 8.45
N PRO A 142 -14.08 15.43 7.13
CA PRO A 142 -15.24 15.30 6.23
C PRO A 142 -15.84 13.88 6.27
N LYS A 143 -17.11 13.76 5.94
CA LYS A 143 -17.78 12.46 5.93
C LYS A 143 -17.15 11.56 4.88
N GLY A 144 -16.93 10.31 5.21
CA GLY A 144 -16.40 9.36 4.23
C GLY A 144 -14.90 9.49 4.02
N VAL A 145 -14.24 10.38 4.77
CA VAL A 145 -12.83 10.71 4.55
C VAL A 145 -11.86 9.50 4.57
N PHE A 146 -12.14 8.46 5.37
CA PHE A 146 -11.21 7.32 5.42
C PHE A 146 -11.74 6.05 4.76
N ASP A 147 -12.93 6.15 4.15
CA ASP A 147 -13.67 4.96 3.68
C ASP A 147 -12.95 4.00 2.73
N LYS A 148 -12.25 4.53 1.76
CA LYS A 148 -11.47 3.67 0.86
C LYS A 148 -10.19 3.10 1.49
N LEU A 149 -9.83 3.56 2.70
CA LEU A 149 -8.55 3.16 3.32
C LEU A 149 -8.61 1.83 4.09
N THR A 150 -9.13 0.83 3.39
CA THR A 150 -9.44 -0.50 3.91
C THR A 150 -8.27 -1.18 4.56
N ASN A 151 -7.07 -0.74 4.19
CA ASN A 151 -5.85 -1.41 4.66
C ASN A 151 -5.10 -0.75 5.80
N LEU A 152 -5.63 0.35 6.33
CA LEU A 152 -4.95 1.11 7.39
C LEU A 152 -4.74 0.23 8.62
N THR A 153 -3.51 0.11 9.10
CA THR A 153 -3.28 -0.51 10.45
C THR A 153 -2.93 0.53 11.57
N GLU A 154 -2.59 1.76 11.16
CA GLU A 154 -2.21 2.84 12.11
C GLU A 154 -2.73 4.13 11.57
N LEU A 155 -3.45 4.89 12.39
CA LEU A 155 -4.10 6.14 12.00
C LEU A 155 -3.88 7.04 13.20
N ASP A 156 -3.37 8.25 12.99
CA ASP A 156 -2.99 9.14 14.10
C ASP A 156 -3.62 10.48 13.75
N LEU A 157 -4.53 10.94 14.61
CA LEU A 157 -5.27 12.15 14.42
C LEU A 157 -4.97 13.10 15.59
N SER A 158 -3.88 12.87 16.33
CA SER A 158 -3.62 13.62 17.58
C SER A 158 -3.13 15.08 17.31
N TYR A 159 -3.14 15.93 18.31
CA TYR A 159 -2.72 17.32 18.20
C TYR A 159 -3.53 18.10 17.16
N ASN A 160 -4.85 17.93 17.19
CA ASN A 160 -5.75 18.67 16.29
C ASN A 160 -6.76 19.39 17.15
N GLN A 161 -7.76 20.01 16.55
CA GLN A 161 -8.76 20.70 17.40
C GLN A 161 -10.08 20.03 17.21
N LEU A 162 -10.06 18.72 16.98
CA LEU A 162 -11.27 17.97 16.69
C LEU A 162 -12.22 18.15 17.86
N GLN A 163 -13.42 18.59 17.56
CA GLN A 163 -14.42 18.78 18.61
C GLN A 163 -15.42 17.62 18.64
N SER A 164 -15.54 16.94 17.50
CA SER A 164 -16.44 15.81 17.34
C SER A 164 -15.93 14.96 16.21
N LEU A 165 -16.38 13.71 16.16
CA LEU A 165 -16.13 12.82 15.05
C LEU A 165 -17.42 12.58 14.24
N PRO A 166 -17.30 12.58 12.90
CA PRO A 166 -18.36 12.16 12.00
C PRO A 166 -18.90 10.78 12.35
N LYS A 167 -20.23 10.62 12.33
CA LYS A 167 -20.82 9.29 12.52
C LYS A 167 -20.23 8.34 11.51
N GLY A 168 -19.87 7.16 11.98
CA GLY A 168 -19.24 6.15 11.13
C GLY A 168 -17.80 6.38 10.69
N VAL A 169 -17.08 7.39 11.22
CA VAL A 169 -15.78 7.68 10.61
C VAL A 169 -14.88 6.49 10.45
N PHE A 170 -14.76 5.65 11.44
CA PHE A 170 -13.87 4.47 11.35
C PHE A 170 -14.53 3.15 10.92
N ASP A 171 -15.73 3.22 10.36
CA ASP A 171 -16.49 2.00 10.05
C ASP A 171 -15.89 1.05 9.00
N LYS A 172 -15.00 1.54 8.14
CA LYS A 172 -14.41 0.66 7.13
C LYS A 172 -13.02 0.17 7.50
N LEU A 173 -12.53 0.59 8.68
CA LEU A 173 -11.13 0.30 9.07
C LEU A 173 -11.00 -0.94 9.93
N THR A 174 -11.24 -2.10 9.33
CA THR A 174 -11.26 -3.31 10.11
C THR A 174 -9.85 -3.88 10.32
N GLN A 175 -8.85 -3.35 9.66
CA GLN A 175 -7.54 -3.85 10.02
C GLN A 175 -6.78 -2.95 11.03
N LEU A 176 -7.43 -1.90 11.50
CA LEU A 176 -6.77 -0.89 12.30
C LEU A 176 -6.26 -1.45 13.64
N LYS A 177 -5.00 -1.23 13.97
CA LYS A 177 -4.57 -1.67 15.27
C LYS A 177 -4.26 -0.55 16.26
N ASP A 178 -4.14 0.67 15.78
CA ASP A 178 -3.49 1.72 16.54
C ASP A 178 -4.16 3.00 16.09
N LEU A 179 -4.72 3.75 17.02
CA LEU A 179 -5.57 4.85 16.68
C LEU A 179 -5.31 5.89 17.76
N ARG A 180 -4.91 7.10 17.35
CA ARG A 180 -4.50 8.08 18.29
C ARG A 180 -5.40 9.33 18.19
N LEU A 181 -6.05 9.73 19.30
CA LEU A 181 -6.96 10.84 19.28
C LEU A 181 -6.63 11.84 20.40
N TYR A 182 -5.43 11.77 20.97
CA TYR A 182 -5.07 12.54 22.14
C TYR A 182 -4.67 13.94 21.78
N GLN A 183 -4.87 14.90 22.68
CA GLN A 183 -4.56 16.31 22.42
C GLN A 183 -5.45 16.92 21.26
N ASN A 184 -6.76 16.69 21.40
CA ASN A 184 -7.84 17.32 20.61
C ASN A 184 -8.79 17.99 21.58
N GLN A 185 -10.05 18.25 21.16
CA GLN A 185 -11.07 18.90 21.98
C GLN A 185 -12.31 18.06 21.97
N LEU A 186 -12.14 16.74 22.06
CA LEU A 186 -13.31 15.93 21.99
C LEU A 186 -14.07 16.13 23.25
N LYS A 187 -15.33 16.52 23.08
CA LYS A 187 -16.35 16.42 24.13
C LYS A 187 -17.05 15.04 24.15
N SER A 188 -17.04 14.34 23.03
CA SER A 188 -17.71 13.07 22.90
C SER A 188 -17.40 12.46 21.55
N VAL A 189 -17.91 11.25 21.37
CA VAL A 189 -17.80 10.49 20.14
C VAL A 189 -19.21 10.00 19.82
N PRO A 190 -19.46 9.57 18.57
CA PRO A 190 -20.83 9.12 18.29
C PRO A 190 -20.99 7.70 18.74
N ASP A 191 -22.18 7.34 19.23
CA ASP A 191 -22.51 5.94 19.56
C ASP A 191 -22.05 4.98 18.47
N GLY A 192 -21.48 3.83 18.83
CA GLY A 192 -20.94 2.93 17.82
C GLY A 192 -19.55 3.20 17.19
N VAL A 193 -18.97 4.39 17.40
CA VAL A 193 -17.80 4.83 16.61
C VAL A 193 -16.65 3.82 16.53
N PHE A 194 -16.34 3.17 17.66
CA PHE A 194 -15.35 2.07 17.66
C PHE A 194 -15.89 0.69 17.42
N ASP A 195 -17.18 0.52 17.31
CA ASP A 195 -17.76 -0.83 17.26
C ASP A 195 -17.21 -1.76 16.18
N ARG A 196 -16.88 -1.22 15.00
CA ARG A 196 -16.34 -2.06 13.96
C ARG A 196 -14.81 -2.36 14.07
N LEU A 197 -14.11 -1.77 15.04
CA LEU A 197 -12.64 -1.90 15.09
C LEU A 197 -12.18 -3.15 15.80
N THR A 198 -12.49 -4.30 15.22
CA THR A 198 -12.22 -5.55 15.93
C THR A 198 -10.75 -5.96 15.95
N SER A 199 -9.85 -5.11 15.43
CA SER A 199 -8.41 -5.45 15.49
C SER A 199 -7.65 -4.49 16.39
N LEU A 200 -8.36 -3.54 16.97
CA LEU A 200 -7.74 -2.47 17.73
C LEU A 200 -6.92 -3.03 18.91
N GLN A 201 -5.65 -2.68 18.95
CA GLN A 201 -4.77 -3.07 20.04
C GLN A 201 -4.46 -1.87 20.95
N TYR A 202 -4.41 -0.68 20.38
CA TYR A 202 -3.97 0.50 21.10
C TYR A 202 -4.87 1.65 20.76
N ILE A 203 -5.43 2.31 21.77
CA ILE A 203 -6.10 3.57 21.53
C ILE A 203 -5.68 4.48 22.62
N TRP A 204 -5.56 5.77 22.29
CA TRP A 204 -5.15 6.86 23.18
C TRP A 204 -6.25 7.91 23.15
N LEU A 205 -6.84 8.28 24.29
CA LEU A 205 -8.02 9.19 24.37
C LEU A 205 -7.79 10.36 25.35
N HIS A 206 -6.60 10.39 25.94
CA HIS A 206 -6.31 11.26 27.06
C HIS A 206 -6.02 12.61 26.50
N ASP A 207 -6.13 13.65 27.32
CA ASP A 207 -5.96 15.05 26.90
C ASP A 207 -7.02 15.52 25.89
N ASN A 208 -8.23 14.96 26.04
CA ASN A 208 -9.48 15.59 25.57
C ASN A 208 -10.43 16.04 26.70
N PRO A 209 -10.97 17.24 26.59
CA PRO A 209 -11.91 17.64 27.62
C PRO A 209 -13.23 16.94 27.44
N TRP A 210 -13.36 15.68 27.88
CA TRP A 210 -14.61 14.92 27.71
C TRP A 210 -15.71 15.49 28.57
N ASP A 211 -16.93 15.51 28.02
CA ASP A 211 -18.19 15.88 28.70
C ASP A 211 -18.82 14.63 29.32
N CYS A 212 -18.96 14.61 30.64
CA CYS A 212 -19.39 13.38 31.29
C CYS A 212 -20.87 13.36 31.77
N THR A 213 -21.65 14.34 31.32
CA THR A 213 -23.07 14.38 31.67
C THR A 213 -23.76 13.14 31.06
N CYS A 214 -24.56 12.44 31.86
CA CYS A 214 -25.39 11.33 31.40
C CYS A 214 -26.62 11.86 30.68
N PRO A 215 -27.21 11.06 29.75
CA PRO A 215 -26.81 9.69 29.28
C PRO A 215 -25.72 9.66 28.16
N GLY A 216 -25.34 10.84 27.67
CA GLY A 216 -24.45 10.97 26.50
C GLY A 216 -23.12 10.21 26.61
N ILE A 217 -22.44 10.36 27.75
CA ILE A 217 -21.20 9.64 28.07
C ILE A 217 -21.35 8.13 28.11
N ARG A 218 -22.57 7.62 28.16
CA ARG A 218 -22.73 6.18 28.40
C ARG A 218 -21.77 5.34 27.55
N TYR A 219 -21.93 5.38 26.23
CA TYR A 219 -21.25 4.47 25.29
C TYR A 219 -19.73 4.43 25.44
N LEU A 220 -19.12 5.61 25.54
CA LEU A 220 -17.70 5.73 25.67
C LEU A 220 -17.28 5.11 27.02
N SER A 221 -18.02 5.43 28.09
CA SER A 221 -17.69 4.99 29.46
C SER A 221 -17.70 3.49 29.55
N GLU A 222 -18.72 2.89 28.96
CA GLU A 222 -18.82 1.47 28.96
C GLU A 222 -17.84 0.87 28.01
N TRP A 223 -17.44 1.64 26.99
CA TRP A 223 -16.51 1.10 25.99
C TRP A 223 -15.16 0.95 26.65
N ILE A 224 -14.74 1.98 27.36
CA ILE A 224 -13.44 1.97 28.03
C ILE A 224 -13.30 0.91 29.11
N ASN A 225 -14.38 0.67 29.84
CA ASN A 225 -14.46 -0.44 30.82
C ASN A 225 -14.39 -1.79 30.15
N LYS A 226 -14.92 -1.88 28.95
CA LYS A 226 -15.00 -3.19 28.32
C LYS A 226 -13.84 -3.42 27.33
N HIS A 227 -13.00 -2.40 27.16
CA HIS A 227 -11.70 -2.68 26.55
C HIS A 227 -10.64 -2.03 27.36
N SER A 228 -10.65 -2.30 28.66
CA SER A 228 -9.62 -1.75 29.55
C SER A 228 -8.17 -2.01 29.15
N GLY A 229 -7.91 -2.98 28.28
CA GLY A 229 -6.52 -3.27 27.89
C GLY A 229 -6.01 -2.46 26.71
N VAL A 230 -6.94 -2.04 25.84
CA VAL A 230 -6.59 -1.32 24.63
C VAL A 230 -6.21 0.13 24.96
N VAL A 231 -6.71 0.63 26.07
CA VAL A 231 -6.63 2.04 26.35
C VAL A 231 -5.28 2.35 27.00
N ARG A 232 -4.48 3.23 26.36
CA ARG A 232 -3.08 3.45 26.71
C ARG A 232 -2.75 4.88 27.17
N ASN A 233 -1.74 5.07 28.01
CA ASN A 233 -1.34 6.40 28.34
C ASN A 233 -0.22 6.94 27.42
N SER A 234 0.23 8.17 27.63
CA SER A 234 1.37 8.73 26.85
C SER A 234 2.67 7.93 26.92
N ALA A 235 2.82 7.07 27.91
CA ALA A 235 4.01 6.25 28.01
C ALA A 235 3.70 4.90 27.45
N GLY A 236 2.59 4.79 26.70
CA GLY A 236 2.28 3.51 26.02
C GLY A 236 1.78 2.43 26.91
N SER A 237 1.59 2.77 28.17
CA SER A 237 1.12 1.76 29.07
C SER A 237 -0.39 1.83 29.30
N VAL A 238 -0.94 0.69 29.66
CA VAL A 238 -2.32 0.55 30.08
C VAL A 238 -2.73 1.48 31.22
N ALA A 239 -3.79 2.21 30.93
CA ALA A 239 -4.27 3.35 31.65
C ALA A 239 -5.73 3.76 31.20
N PRO A 240 -6.71 2.84 31.37
CA PRO A 240 -8.15 3.09 31.27
C PRO A 240 -8.58 4.41 31.89
N ASP A 241 -7.83 4.87 32.90
CA ASP A 241 -8.24 6.06 33.65
C ASP A 241 -7.67 7.36 33.10
N SER A 242 -6.85 7.25 32.05
CA SER A 242 -6.19 8.40 31.41
C SER A 242 -7.18 9.31 30.72
N ALA A 243 -8.29 8.73 30.24
CA ALA A 243 -9.41 9.54 29.68
C ALA A 243 -10.23 10.24 30.79
N LYS A 244 -10.19 11.56 30.81
CA LYS A 244 -10.72 12.35 31.95
C LYS A 244 -11.75 13.46 31.66
N CYS A 245 -12.77 13.59 32.52
CA CYS A 245 -13.83 14.57 32.33
C CYS A 245 -13.31 15.97 32.55
N SER A 246 -13.84 16.93 31.80
CA SER A 246 -13.34 18.28 31.99
C SER A 246 -13.82 18.82 33.35
N GLY A 247 -13.27 19.96 33.77
CA GLY A 247 -13.62 20.55 35.07
C GLY A 247 -13.30 19.65 36.24
N SER A 248 -14.20 18.70 36.50
CA SER A 248 -14.06 17.75 37.58
C SER A 248 -12.74 16.97 37.66
N GLY A 249 -12.17 16.59 36.51
CA GLY A 249 -11.03 15.65 36.50
C GLY A 249 -11.25 14.16 36.78
N LYS A 250 -12.50 13.71 36.91
CA LYS A 250 -12.79 12.23 37.06
C LYS A 250 -12.50 11.41 35.83
N PRO A 251 -12.16 10.11 36.03
CA PRO A 251 -12.00 9.20 34.88
C PRO A 251 -13.32 9.05 34.22
N VAL A 252 -13.30 9.08 32.88
CA VAL A 252 -14.51 8.94 32.08
C VAL A 252 -15.12 7.61 32.46
N ARG A 253 -14.29 6.59 32.61
CA ARG A 253 -14.82 5.24 32.83
C ARG A 253 -15.31 5.03 34.27
N SER A 254 -15.20 6.09 35.09
CA SER A 254 -15.76 6.10 36.46
C SER A 254 -17.18 6.65 36.45
N ILE A 255 -17.69 6.96 35.26
CA ILE A 255 -19.03 7.49 35.18
C ILE A 255 -20.03 6.41 34.82
N ILE A 256 -21.00 6.20 35.69
CA ILE A 256 -22.03 5.20 35.44
C ILE A 256 -23.42 5.86 35.38
N CYS A 257 -24.12 5.67 34.26
CA CYS A 257 -25.44 6.27 34.02
C CYS A 257 -26.57 5.33 34.51
N PRO A 258 -27.68 5.89 35.03
CA PRO A 258 -28.94 5.13 35.23
C PRO A 258 -29.46 4.47 33.96
N PRO B 1 -20.01 20.07 -25.22
CA PRO B 1 -18.63 19.65 -24.97
C PRO B 1 -18.47 18.29 -24.25
N ILE B 2 -17.21 17.86 -24.08
CA ILE B 2 -16.89 16.60 -23.43
C ILE B 2 -17.49 16.52 -22.06
N LYS B 3 -17.44 17.64 -21.33
CA LYS B 3 -18.15 17.77 -20.06
C LYS B 3 -19.58 17.17 -20.12
N GLN B 4 -20.33 17.46 -21.19
CA GLN B 4 -21.72 17.00 -21.33
C GLN B 4 -21.86 15.55 -21.81
N ILE B 5 -21.09 15.22 -22.85
CA ILE B 5 -21.25 14.00 -23.63
C ILE B 5 -20.82 12.82 -22.83
N PHE B 6 -19.84 13.00 -21.95
CA PHE B 6 -19.33 11.96 -21.09
C PHE B 6 -19.48 12.43 -19.67
N PRO B 7 -20.63 12.15 -19.03
CA PRO B 7 -20.85 12.66 -17.68
C PRO B 7 -19.75 12.26 -16.70
N ASP B 8 -19.28 11.01 -16.78
CA ASP B 8 -18.27 10.49 -15.85
C ASP B 8 -16.93 11.17 -16.00
N ASP B 9 -16.37 11.56 -14.86
CA ASP B 9 -15.37 12.59 -14.82
C ASP B 9 -14.04 12.10 -15.37
N ALA B 10 -13.60 10.97 -14.85
CA ALA B 10 -12.37 10.37 -15.34
C ALA B 10 -12.42 10.07 -16.84
N PHE B 11 -13.56 9.51 -17.32
CA PHE B 11 -13.73 9.12 -18.72
C PHE B 11 -13.65 10.33 -19.64
N ALA B 12 -14.14 11.48 -19.16
CA ALA B 12 -13.98 12.74 -19.88
C ALA B 12 -12.52 13.11 -20.10
N GLU B 13 -11.68 12.89 -19.07
CA GLU B 13 -10.21 13.13 -19.11
C GLU B 13 -9.51 12.35 -20.21
N THR B 14 -9.79 11.04 -20.22
CA THR B 14 -9.37 10.09 -21.23
C THR B 14 -9.79 10.53 -22.62
N ILE B 15 -11.05 10.94 -22.77
CA ILE B 15 -11.52 11.44 -24.05
C ILE B 15 -10.84 12.77 -24.40
N LYS B 16 -10.57 13.62 -23.40
CA LYS B 16 -9.86 14.90 -23.65
C LYS B 16 -8.45 14.68 -24.20
N ALA B 17 -7.71 13.78 -23.55
CA ALA B 17 -6.34 13.41 -23.96
C ALA B 17 -6.32 12.69 -25.31
N ASN B 18 -7.19 11.70 -25.50
CA ASN B 18 -7.37 11.05 -26.80
C ASN B 18 -7.55 12.07 -27.96
N LEU B 19 -8.24 13.17 -27.71
CA LEU B 19 -8.53 14.16 -28.76
C LEU B 19 -7.61 15.39 -28.77
N LYS B 20 -7.03 15.72 -27.60
CA LYS B 20 -6.15 16.91 -27.34
C LYS B 20 -6.82 18.00 -26.50
N ALA B 27 -16.15 23.06 -27.28
CA ALA B 27 -17.22 22.39 -28.03
C ALA B 27 -16.65 21.39 -29.04
N VAL B 28 -17.35 20.26 -29.18
CA VAL B 28 -16.89 19.09 -29.94
C VAL B 28 -17.68 18.83 -31.24
N THR B 29 -16.96 18.58 -32.33
CA THR B 29 -17.59 18.34 -33.63
C THR B 29 -17.79 16.87 -33.92
N GLN B 30 -18.70 16.61 -34.85
CA GLN B 30 -18.97 15.27 -35.37
C GLN B 30 -17.71 14.57 -35.90
N ASN B 31 -16.95 15.22 -36.80
CA ASN B 31 -15.62 14.75 -37.19
C ASN B 31 -14.73 14.38 -35.98
N GLU B 32 -14.61 15.28 -34.99
CA GLU B 32 -13.84 14.96 -33.78
C GLU B 32 -14.33 13.65 -33.19
N LEU B 33 -15.65 13.54 -33.06
CA LEU B 33 -16.30 12.35 -32.55
C LEU B 33 -16.00 11.09 -33.35
N ASN B 34 -15.76 11.25 -34.65
CA ASN B 34 -15.44 10.12 -35.55
C ASN B 34 -13.95 9.75 -35.58
N SER B 35 -13.11 10.65 -35.04
CA SER B 35 -11.65 10.50 -34.88
C SER B 35 -11.19 9.27 -34.09
N ILE B 36 -11.99 8.86 -33.13
CA ILE B 36 -11.52 7.89 -32.20
C ILE B 36 -11.65 6.45 -32.70
N ASP B 37 -10.48 5.86 -33.05
CA ASP B 37 -10.37 4.45 -33.45
C ASP B 37 -10.07 3.53 -32.29
N GLN B 38 -9.35 4.03 -31.27
CA GLN B 38 -8.97 3.21 -30.09
C GLN B 38 -8.96 4.00 -28.80
N ILE B 39 -9.24 3.28 -27.71
CA ILE B 39 -9.29 3.84 -26.38
C ILE B 39 -8.61 2.85 -25.46
N ILE B 40 -7.63 3.33 -24.68
CA ILE B 40 -6.96 2.48 -23.67
C ILE B 40 -7.10 3.11 -22.28
N ALA B 41 -7.74 2.39 -21.38
CA ALA B 41 -8.31 2.95 -20.15
C ALA B 41 -8.60 1.81 -19.23
N ASN B 42 -7.62 0.92 -19.06
CA ASN B 42 -7.65 -0.07 -18.00
C ASN B 42 -7.02 0.52 -16.74
N ASN B 43 -7.30 -0.06 -15.57
CA ASN B 43 -6.91 0.49 -14.24
C ASN B 43 -7.08 1.97 -14.21
N SER B 44 -8.34 2.35 -14.45
CA SER B 44 -8.64 3.74 -14.49
C SER B 44 -9.65 3.97 -13.39
N ASP B 45 -10.04 5.23 -13.24
CA ASP B 45 -11.03 5.59 -12.28
C ASP B 45 -12.32 5.90 -13.00
N ILE B 46 -12.69 5.01 -13.91
CA ILE B 46 -13.97 5.16 -14.59
C ILE B 46 -15.04 4.39 -13.86
N LYS B 47 -16.18 5.06 -13.67
CA LYS B 47 -17.36 4.50 -13.01
C LYS B 47 -18.37 4.01 -14.08
N SER B 48 -18.56 4.85 -15.12
CA SER B 48 -19.50 4.63 -16.21
C SER B 48 -18.93 5.10 -17.55
N VAL B 49 -19.13 4.32 -18.62
CA VAL B 49 -18.77 4.72 -20.00
C VAL B 49 -19.88 5.37 -20.81
N GLN B 50 -20.97 5.77 -20.18
CA GLN B 50 -21.94 6.65 -20.81
C GLN B 50 -21.25 7.68 -21.67
N GLY B 51 -21.64 7.78 -22.93
CA GLY B 51 -20.96 8.71 -23.85
C GLY B 51 -20.22 7.94 -24.90
N ILE B 52 -19.76 6.73 -24.56
CA ILE B 52 -18.96 5.94 -25.52
C ILE B 52 -19.75 5.59 -26.78
N GLN B 53 -21.08 5.43 -26.66
CA GLN B 53 -21.97 5.15 -27.81
C GLN B 53 -21.87 6.13 -28.97
N TYR B 54 -21.43 7.37 -28.72
CA TYR B 54 -21.28 8.40 -29.77
C TYR B 54 -19.90 8.46 -30.42
N LEU B 55 -19.13 7.37 -30.32
CA LEU B 55 -17.84 7.36 -30.99
C LEU B 55 -17.94 6.14 -31.86
N PRO B 56 -18.53 6.26 -33.07
CA PRO B 56 -18.95 5.04 -33.79
C PRO B 56 -17.79 4.25 -34.39
N ASN B 57 -16.59 4.82 -34.40
CA ASN B 57 -15.43 4.21 -35.06
C ASN B 57 -14.45 3.47 -34.14
N VAL B 58 -14.72 3.30 -32.85
CA VAL B 58 -13.76 2.50 -32.08
C VAL B 58 -13.65 1.02 -32.50
N ARG B 59 -12.42 0.67 -32.91
CA ARG B 59 -12.00 -0.68 -33.29
C ARG B 59 -11.48 -1.42 -32.08
N TYR B 60 -10.71 -0.69 -31.28
CA TYR B 60 -9.95 -1.29 -30.25
C TYR B 60 -10.28 -0.70 -28.88
N LEU B 61 -10.64 -1.54 -27.93
CA LEU B 61 -10.99 -1.00 -26.63
C LEU B 61 -10.49 -1.84 -25.48
N ALA B 62 -9.86 -1.18 -24.50
CA ALA B 62 -9.43 -1.87 -23.26
C ALA B 62 -9.97 -1.04 -22.15
N LEU B 63 -10.78 -1.65 -21.30
CA LEU B 63 -11.54 -0.81 -20.38
C LEU B 63 -11.75 -1.53 -19.09
N GLY B 64 -11.34 -0.88 -18.00
CA GLY B 64 -11.72 -1.39 -16.70
C GLY B 64 -11.24 -0.60 -15.50
N GLY B 65 -11.49 -1.15 -14.33
CA GLY B 65 -11.05 -0.51 -13.12
C GLY B 65 -11.78 -1.00 -11.90
N ASN B 66 -11.26 -0.57 -10.75
CA ASN B 66 -11.74 -0.92 -9.44
C ASN B 66 -13.23 -0.60 -9.29
N LYS B 67 -13.69 0.46 -9.97
CA LYS B 67 -15.07 0.94 -9.77
C LYS B 67 -15.93 1.05 -11.05
N LEU B 68 -15.48 0.43 -12.14
CA LEU B 68 -16.30 0.30 -13.34
C LEU B 68 -17.49 -0.60 -13.11
N HIS B 69 -18.70 -0.07 -13.26
CA HIS B 69 -19.89 -0.91 -13.14
C HIS B 69 -20.86 -0.74 -14.28
N ASP B 70 -20.76 0.41 -14.95
CA ASP B 70 -21.72 0.74 -16.01
C ASP B 70 -21.18 0.62 -17.45
N ILE B 71 -21.35 -0.55 -18.06
CA ILE B 71 -20.84 -0.81 -19.41
C ILE B 71 -21.91 -1.00 -20.46
N SER B 72 -23.16 -0.93 -20.04
CA SER B 72 -24.31 -0.97 -20.92
C SER B 72 -24.04 -0.39 -22.34
N ALA B 73 -23.63 0.87 -22.39
CA ALA B 73 -23.48 1.59 -23.64
C ALA B 73 -22.46 0.98 -24.61
N LEU B 74 -21.82 -0.11 -24.19
CA LEU B 74 -20.87 -0.85 -25.00
C LEU B 74 -21.55 -1.46 -26.23
N LYS B 75 -22.84 -1.74 -26.08
CA LYS B 75 -23.58 -2.59 -26.99
C LYS B 75 -23.77 -1.93 -28.34
N GLU B 76 -23.41 -0.66 -28.40
CA GLU B 76 -23.63 0.14 -29.59
C GLU B 76 -22.44 0.14 -30.55
N LEU B 77 -21.23 -0.16 -30.06
CA LEU B 77 -20.02 -0.05 -30.86
C LEU B 77 -19.82 -1.22 -31.82
N THR B 78 -20.44 -1.08 -32.99
CA THR B 78 -20.49 -2.14 -33.99
C THR B 78 -19.15 -2.39 -34.68
N ASN B 79 -18.27 -1.39 -34.73
CA ASN B 79 -16.98 -1.63 -35.35
C ASN B 79 -15.90 -2.24 -34.44
N LEU B 80 -16.30 -2.80 -33.30
CA LEU B 80 -15.34 -3.19 -32.27
C LEU B 80 -14.71 -4.52 -32.61
N THR B 81 -13.38 -4.51 -32.67
CA THR B 81 -12.63 -5.71 -33.07
C THR B 81 -11.91 -6.39 -31.88
N TYR B 82 -11.42 -5.58 -30.95
CA TYR B 82 -10.65 -6.10 -29.82
C TYR B 82 -11.21 -5.49 -28.55
N LEU B 83 -11.67 -6.36 -27.65
CA LEU B 83 -12.26 -5.89 -26.42
C LEU B 83 -11.62 -6.55 -25.20
N THR B 84 -11.00 -5.74 -24.35
CA THR B 84 -10.67 -6.15 -22.98
C THR B 84 -11.55 -5.34 -22.05
N LEU B 85 -12.32 -6.05 -21.23
CA LEU B 85 -13.34 -5.49 -20.37
C LEU B 85 -13.13 -5.97 -18.94
N GLU B 86 -12.76 -5.07 -18.01
CA GLU B 86 -12.55 -5.44 -16.60
C GLU B 86 -13.48 -4.69 -15.62
N PRO B 87 -14.74 -5.14 -15.49
CA PRO B 87 -15.72 -4.47 -14.62
C PRO B 87 -15.71 -5.00 -13.22
N ASN B 88 -14.93 -4.37 -12.36
CA ASN B 88 -14.84 -4.81 -10.98
C ASN B 88 -16.18 -4.90 -10.21
N GLN B 89 -17.04 -3.90 -10.32
CA GLN B 89 -18.28 -3.86 -9.55
C GLN B 89 -19.54 -4.15 -10.36
N LEU B 90 -19.41 -5.00 -11.38
CA LEU B 90 -20.56 -5.42 -12.19
C LEU B 90 -21.12 -6.70 -11.60
N GLN B 91 -22.45 -6.80 -11.57
CA GLN B 91 -23.13 -7.96 -11.03
C GLN B 91 -23.72 -8.79 -12.13
N SER B 92 -24.44 -8.12 -13.05
CA SER B 92 -25.23 -8.77 -14.08
C SER B 92 -24.93 -8.18 -15.44
N LEU B 93 -24.58 -9.03 -16.40
CA LEU B 93 -24.26 -8.54 -17.73
C LEU B 93 -25.50 -7.89 -18.36
N PRO B 94 -25.38 -6.62 -18.76
CA PRO B 94 -26.57 -5.96 -19.36
C PRO B 94 -27.12 -6.84 -20.44
N ASN B 95 -28.37 -7.27 -20.33
CA ASN B 95 -28.90 -8.24 -21.31
C ASN B 95 -28.68 -7.84 -22.79
N GLY B 96 -28.12 -8.77 -23.56
CA GLY B 96 -27.80 -8.56 -24.95
C GLY B 96 -26.60 -7.67 -25.24
N VAL B 97 -25.72 -7.50 -24.25
CA VAL B 97 -24.54 -6.62 -24.36
C VAL B 97 -23.69 -6.83 -25.63
N PHE B 98 -23.48 -8.06 -26.07
CA PHE B 98 -22.60 -8.32 -27.20
C PHE B 98 -23.29 -8.47 -28.56
N ASP B 99 -24.63 -8.50 -28.56
CA ASP B 99 -25.47 -8.74 -29.75
C ASP B 99 -25.14 -8.02 -31.07
N LYS B 100 -24.71 -6.78 -30.95
CA LYS B 100 -24.43 -5.98 -32.16
C LYS B 100 -22.93 -5.99 -32.48
N LEU B 101 -22.12 -6.64 -31.62
CA LEU B 101 -20.64 -6.63 -31.75
C LEU B 101 -20.11 -7.77 -32.64
N THR B 102 -20.70 -7.91 -33.82
CA THR B 102 -20.44 -9.06 -34.69
C THR B 102 -19.03 -9.12 -35.28
N ASN B 103 -18.32 -8.00 -35.33
CA ASN B 103 -16.91 -7.97 -35.74
C ASN B 103 -15.89 -8.48 -34.71
N LEU B 104 -16.31 -8.68 -33.46
CA LEU B 104 -15.38 -9.09 -32.42
C LEU B 104 -14.54 -10.29 -32.78
N LYS B 105 -13.23 -10.05 -32.86
CA LYS B 105 -12.27 -11.11 -33.00
C LYS B 105 -11.75 -11.67 -31.68
N GLU B 106 -11.62 -10.82 -30.67
CA GLU B 106 -10.93 -11.21 -29.42
C GLU B 106 -11.62 -10.58 -28.27
N LEU B 107 -12.12 -11.39 -27.35
CA LEU B 107 -12.80 -10.90 -26.16
C LEU B 107 -12.07 -11.33 -24.86
N GLN B 108 -11.75 -10.38 -24.02
CA GLN B 108 -11.22 -10.70 -22.68
C GLN B 108 -12.20 -10.06 -21.67
N LEU B 109 -12.96 -10.87 -20.93
CA LEU B 109 -13.96 -10.33 -19.99
C LEU B 109 -13.60 -10.76 -18.57
N TRP B 110 -13.11 -9.83 -17.75
CA TRP B 110 -12.71 -10.16 -16.36
C TRP B 110 -13.53 -9.37 -15.39
N ALA B 111 -14.43 -10.08 -14.74
CA ALA B 111 -15.42 -9.42 -13.89
C ALA B 111 -15.50 -10.22 -12.63
N ASN B 112 -14.77 -9.78 -11.60
CA ASN B 112 -14.80 -10.45 -10.27
C ASN B 112 -16.19 -10.72 -9.74
N GLN B 113 -17.10 -9.73 -9.86
CA GLN B 113 -18.41 -9.89 -9.25
C GLN B 113 -19.46 -10.65 -10.07
N LEU B 114 -19.05 -11.22 -11.20
CA LEU B 114 -20.03 -11.93 -12.04
C LEU B 114 -20.39 -13.26 -11.43
N GLN B 115 -21.68 -13.46 -11.20
CA GLN B 115 -22.15 -14.72 -10.66
C GLN B 115 -22.21 -15.73 -11.82
N SER B 116 -23.02 -15.39 -12.82
CA SER B 116 -23.32 -16.30 -13.91
C SER B 116 -23.14 -15.67 -15.30
N LEU B 117 -23.17 -16.51 -16.33
CA LEU B 117 -23.31 -16.03 -17.70
C LEU B 117 -24.74 -16.25 -18.18
N PRO B 118 -25.39 -15.21 -18.72
CA PRO B 118 -26.68 -15.33 -19.42
C PRO B 118 -26.78 -16.47 -20.44
N ASP B 119 -27.95 -16.64 -21.06
CA ASP B 119 -28.14 -17.74 -22.01
C ASP B 119 -27.88 -17.25 -23.42
N GLY B 120 -26.95 -17.92 -24.12
CA GLY B 120 -26.48 -17.47 -25.43
C GLY B 120 -25.92 -16.05 -25.43
N VAL B 121 -25.18 -15.72 -24.37
CA VAL B 121 -24.55 -14.41 -24.25
C VAL B 121 -23.57 -14.15 -25.41
N PHE B 122 -22.86 -15.19 -25.87
CA PHE B 122 -21.92 -15.02 -27.00
C PHE B 122 -22.51 -15.34 -28.36
N ASP B 123 -23.80 -15.68 -28.42
CA ASP B 123 -24.35 -16.30 -29.65
C ASP B 123 -24.12 -15.53 -30.97
N LYS B 124 -23.95 -14.23 -30.90
CA LYS B 124 -23.80 -13.44 -32.13
C LYS B 124 -22.33 -13.21 -32.52
N LEU B 125 -21.43 -13.75 -31.69
CA LEU B 125 -19.99 -13.51 -31.88
C LEU B 125 -19.31 -14.56 -32.76
N THR B 126 -19.61 -14.58 -34.06
CA THR B 126 -19.23 -15.73 -34.89
C THR B 126 -17.82 -15.53 -35.45
N ASN B 127 -17.39 -14.28 -35.44
CA ASN B 127 -16.03 -13.97 -35.82
C ASN B 127 -14.91 -14.21 -34.71
N LEU B 128 -15.30 -14.44 -33.46
CA LEU B 128 -14.29 -14.60 -32.37
C LEU B 128 -13.17 -15.60 -32.65
N THR B 129 -11.91 -15.18 -32.66
CA THR B 129 -10.87 -16.21 -32.54
C THR B 129 -10.41 -16.57 -31.12
N TYR B 130 -10.63 -15.69 -30.14
CA TYR B 130 -9.99 -15.84 -28.83
C TYR B 130 -10.94 -15.39 -27.74
N LEU B 131 -11.25 -16.29 -26.82
CA LEU B 131 -12.16 -15.93 -25.74
C LEU B 131 -11.49 -16.24 -24.44
N ASN B 132 -11.36 -15.20 -23.64
CA ASN B 132 -10.74 -15.32 -22.32
C ASN B 132 -11.78 -15.06 -21.22
N LEU B 133 -12.11 -16.07 -20.40
CA LEU B 133 -13.04 -15.90 -19.28
C LEU B 133 -12.42 -16.31 -17.92
N ALA B 134 -11.13 -16.05 -17.76
CA ALA B 134 -10.44 -16.21 -16.49
C ALA B 134 -10.87 -15.09 -15.48
N PHE B 135 -10.56 -15.31 -14.19
CA PHE B 135 -10.80 -14.34 -13.13
C PHE B 135 -12.24 -13.82 -13.03
N ASN B 136 -13.19 -14.75 -13.14
CA ASN B 136 -14.60 -14.51 -12.78
C ASN B 136 -14.97 -15.42 -11.60
N GLN B 137 -16.25 -15.51 -11.28
CA GLN B 137 -16.67 -16.45 -10.23
C GLN B 137 -17.45 -17.61 -10.80
N LEU B 138 -17.11 -18.07 -11.99
CA LEU B 138 -18.01 -19.01 -12.65
C LEU B 138 -18.03 -20.36 -11.99
N GLN B 139 -19.24 -20.83 -11.74
CA GLN B 139 -19.48 -22.09 -11.07
C GLN B 139 -19.88 -23.14 -12.07
N SER B 140 -20.67 -22.72 -13.05
CA SER B 140 -20.99 -23.55 -14.17
C SER B 140 -21.25 -22.64 -15.33
N LEU B 141 -21.05 -23.19 -16.52
CA LEU B 141 -21.31 -22.51 -17.76
C LEU B 141 -22.67 -22.94 -18.31
N PRO B 142 -23.43 -21.99 -18.88
CA PRO B 142 -24.64 -22.28 -19.65
C PRO B 142 -24.41 -23.33 -20.73
N LYS B 143 -25.40 -24.20 -20.95
CA LYS B 143 -25.35 -25.25 -21.97
C LYS B 143 -25.46 -24.65 -23.37
N GLY B 144 -24.49 -24.92 -24.22
CA GLY B 144 -24.48 -24.41 -25.58
C GLY B 144 -23.76 -23.07 -25.71
N VAL B 145 -23.21 -22.60 -24.59
CA VAL B 145 -22.54 -21.30 -24.47
C VAL B 145 -21.52 -20.98 -25.57
N PHE B 146 -20.79 -21.99 -26.05
CA PHE B 146 -19.78 -21.75 -27.09
C PHE B 146 -20.18 -22.28 -28.48
N ASP B 147 -21.45 -22.64 -28.71
CA ASP B 147 -21.86 -23.30 -29.97
C ASP B 147 -21.67 -22.52 -31.26
N LYS B 148 -21.99 -21.22 -31.24
CA LYS B 148 -21.90 -20.40 -32.44
C LYS B 148 -20.48 -19.90 -32.64
N LEU B 149 -19.57 -20.39 -31.80
CA LEU B 149 -18.22 -19.86 -31.78
C LEU B 149 -17.27 -20.73 -32.58
N THR B 150 -17.61 -20.91 -33.86
CA THR B 150 -16.96 -21.94 -34.67
C THR B 150 -15.54 -21.59 -35.14
N ASN B 151 -15.19 -20.31 -35.17
CA ASN B 151 -13.84 -19.99 -35.54
C ASN B 151 -12.86 -19.85 -34.37
N LEU B 152 -13.30 -20.15 -33.15
CA LEU B 152 -12.48 -19.97 -31.97
C LEU B 152 -11.23 -20.84 -32.05
N THR B 153 -10.04 -20.24 -31.90
CA THR B 153 -8.77 -21.00 -31.80
C THR B 153 -8.26 -21.12 -30.37
N GLU B 154 -8.75 -20.26 -29.48
CA GLU B 154 -8.24 -20.22 -28.12
C GLU B 154 -9.28 -19.82 -27.08
N LEU B 155 -9.49 -20.68 -26.10
CA LEU B 155 -10.46 -20.44 -25.04
C LEU B 155 -9.79 -20.64 -23.69
N ASP B 156 -10.01 -19.70 -22.79
CA ASP B 156 -9.33 -19.71 -21.48
C ASP B 156 -10.41 -19.64 -20.38
N LEU B 157 -10.52 -20.72 -19.59
CA LEU B 157 -11.50 -20.78 -18.49
C LEU B 157 -10.81 -20.94 -17.12
N SER B 158 -9.53 -20.57 -17.06
CA SER B 158 -8.73 -20.72 -15.86
C SER B 158 -9.20 -19.69 -14.79
N TYR B 159 -8.74 -19.88 -13.54
CA TYR B 159 -9.04 -18.95 -12.43
C TYR B 159 -10.52 -18.72 -12.14
N ASN B 160 -11.31 -19.79 -12.21
CA ASN B 160 -12.73 -19.74 -11.86
C ASN B 160 -13.07 -20.68 -10.70
N GLN B 161 -14.18 -21.39 -10.79
CA GLN B 161 -14.74 -22.21 -9.70
C GLN B 161 -15.77 -23.18 -10.26
N LEU B 162 -15.55 -23.59 -11.50
CA LEU B 162 -16.42 -24.54 -12.14
C LEU B 162 -16.20 -25.88 -11.47
N GLN B 163 -17.28 -26.61 -11.22
CA GLN B 163 -17.15 -28.02 -10.82
C GLN B 163 -17.70 -28.86 -11.91
N SER B 164 -18.44 -28.20 -12.79
CA SER B 164 -19.22 -28.88 -13.78
C SER B 164 -19.13 -28.23 -15.17
N LEU B 165 -18.54 -28.96 -16.12
CA LEU B 165 -18.68 -28.64 -17.54
C LEU B 165 -19.88 -29.42 -18.08
N PRO B 166 -20.84 -28.71 -18.71
CA PRO B 166 -22.03 -29.33 -19.33
C PRO B 166 -21.63 -30.22 -20.50
N LYS B 167 -22.42 -31.26 -20.78
CA LYS B 167 -22.10 -32.20 -21.86
C LYS B 167 -22.04 -31.50 -23.25
N GLY B 168 -21.06 -31.92 -24.06
CA GLY B 168 -20.85 -31.38 -25.41
C GLY B 168 -20.19 -30.00 -25.54
N VAL B 169 -19.82 -29.34 -24.43
CA VAL B 169 -19.41 -27.89 -24.45
C VAL B 169 -18.38 -27.46 -25.50
N PHE B 170 -17.53 -28.40 -25.87
CA PHE B 170 -16.50 -28.09 -26.81
C PHE B 170 -16.75 -28.62 -28.24
N ASP B 171 -17.90 -29.27 -28.47
CA ASP B 171 -18.09 -30.14 -29.67
C ASP B 171 -18.21 -29.49 -31.06
N LYS B 172 -18.44 -28.17 -31.11
CA LYS B 172 -18.46 -27.42 -32.37
C LYS B 172 -17.25 -26.48 -32.48
N LEU B 173 -16.35 -26.53 -31.49
CA LEU B 173 -15.10 -25.76 -31.55
C LEU B 173 -14.01 -26.57 -32.26
N THR B 174 -14.15 -26.74 -33.57
CA THR B 174 -13.26 -27.69 -34.23
C THR B 174 -11.88 -27.11 -34.58
N GLN B 175 -11.72 -25.80 -34.57
CA GLN B 175 -10.40 -25.19 -34.81
C GLN B 175 -9.61 -24.87 -33.52
N LEU B 176 -10.04 -25.40 -32.38
CA LEU B 176 -9.53 -24.92 -31.11
C LEU B 176 -8.18 -25.56 -30.84
N LYS B 177 -7.12 -24.77 -30.73
CA LYS B 177 -5.82 -25.36 -30.54
C LYS B 177 -5.30 -25.35 -29.09
N ASP B 178 -6.07 -24.74 -28.20
CA ASP B 178 -5.54 -24.16 -27.01
C ASP B 178 -6.68 -23.95 -26.00
N LEU B 179 -6.69 -24.76 -24.97
CA LEU B 179 -7.79 -24.69 -24.04
C LEU B 179 -7.20 -24.76 -22.62
N ARG B 180 -7.54 -23.79 -21.76
CA ARG B 180 -6.96 -23.70 -20.43
C ARG B 180 -8.06 -23.79 -19.41
N LEU B 181 -8.01 -24.85 -18.59
CA LEU B 181 -9.05 -25.14 -17.61
C LEU B 181 -8.52 -25.15 -16.17
N TYR B 182 -7.27 -24.75 -15.99
CA TYR B 182 -6.60 -24.87 -14.70
C TYR B 182 -7.11 -23.88 -13.63
N GLN B 183 -6.92 -24.24 -12.35
CA GLN B 183 -7.41 -23.43 -11.22
C GLN B 183 -8.94 -23.32 -11.22
N ASN B 184 -9.61 -24.47 -11.11
CA ASN B 184 -11.07 -24.60 -10.96
C ASN B 184 -11.39 -25.74 -9.99
N GLN B 185 -12.67 -26.14 -9.85
CA GLN B 185 -13.03 -27.25 -8.95
C GLN B 185 -13.49 -28.50 -9.69
N LEU B 186 -12.93 -28.73 -10.88
CA LEU B 186 -13.42 -29.83 -11.71
C LEU B 186 -13.15 -31.20 -11.09
N LYS B 187 -14.22 -31.87 -10.68
CA LYS B 187 -14.03 -33.18 -10.10
C LYS B 187 -13.96 -34.21 -11.21
N SER B 188 -14.63 -33.94 -12.33
CA SER B 188 -14.63 -34.85 -13.49
C SER B 188 -15.16 -34.24 -14.80
N VAL B 189 -14.94 -34.99 -15.89
CA VAL B 189 -15.31 -34.59 -17.24
C VAL B 189 -16.38 -35.48 -17.83
N PRO B 190 -17.31 -34.86 -18.57
CA PRO B 190 -18.51 -35.35 -19.25
C PRO B 190 -18.39 -36.43 -20.31
N ASP B 191 -17.34 -37.27 -20.25
CA ASP B 191 -17.15 -38.35 -21.25
C ASP B 191 -17.09 -37.87 -22.69
N GLY B 192 -15.97 -38.11 -23.38
CA GLY B 192 -15.84 -37.66 -24.76
C GLY B 192 -15.87 -36.14 -24.97
N VAL B 193 -15.73 -35.39 -23.89
CA VAL B 193 -15.77 -33.93 -23.95
C VAL B 193 -14.70 -33.32 -24.89
N PHE B 194 -13.56 -34.01 -25.06
CA PHE B 194 -12.50 -33.57 -25.99
C PHE B 194 -12.48 -34.29 -27.36
N ASP B 195 -13.43 -35.20 -27.56
CA ASP B 195 -13.56 -36.02 -28.79
C ASP B 195 -13.48 -35.26 -30.15
N ARG B 196 -14.27 -34.21 -30.29
CA ARG B 196 -14.37 -33.45 -31.54
C ARG B 196 -13.28 -32.35 -31.73
N LEU B 197 -12.23 -32.37 -30.91
CA LEU B 197 -11.20 -31.32 -30.88
C LEU B 197 -9.97 -31.72 -31.65
N THR B 198 -10.09 -31.72 -32.97
CA THR B 198 -9.13 -32.40 -33.84
C THR B 198 -7.90 -31.60 -34.13
N SER B 199 -7.95 -30.30 -33.89
CA SER B 199 -6.72 -29.52 -34.04
C SER B 199 -6.13 -29.08 -32.70
N LEU B 200 -6.51 -29.76 -31.62
CA LEU B 200 -6.15 -29.31 -30.29
C LEU B 200 -4.69 -29.51 -30.03
N GLN B 201 -3.99 -28.41 -29.77
CA GLN B 201 -2.58 -28.52 -29.55
C GLN B 201 -2.12 -28.53 -28.08
N TYR B 202 -2.88 -27.87 -27.21
CA TYR B 202 -2.41 -27.59 -25.85
C TYR B 202 -3.59 -27.57 -24.92
N ILE B 203 -3.51 -28.34 -23.84
CA ILE B 203 -4.55 -28.28 -22.78
C ILE B 203 -3.89 -28.26 -21.37
N TRP B 204 -4.47 -27.44 -20.49
CA TRP B 204 -3.99 -27.28 -19.11
C TRP B 204 -5.02 -27.78 -18.16
N LEU B 205 -4.67 -28.80 -17.41
CA LEU B 205 -5.62 -29.45 -16.51
C LEU B 205 -5.10 -29.47 -15.03
N HIS B 206 -3.92 -28.91 -14.77
CA HIS B 206 -3.34 -28.87 -13.41
C HIS B 206 -4.17 -28.00 -12.45
N ASP B 207 -4.24 -28.38 -11.18
CA ASP B 207 -4.89 -27.59 -10.12
C ASP B 207 -6.42 -27.70 -10.19
N ASN B 208 -6.90 -28.94 -10.23
CA ASN B 208 -8.30 -29.25 -10.11
C ASN B 208 -8.41 -30.43 -9.16
N PRO B 209 -9.59 -30.65 -8.53
CA PRO B 209 -9.83 -31.82 -7.65
C PRO B 209 -10.34 -33.07 -8.37
N TRP B 210 -9.51 -33.60 -9.27
CA TRP B 210 -9.88 -34.81 -10.00
C TRP B 210 -10.21 -35.99 -9.08
N ASP B 211 -11.45 -36.47 -9.19
CA ASP B 211 -11.84 -37.74 -8.60
C ASP B 211 -11.32 -38.93 -9.40
N CYS B 212 -10.45 -39.73 -8.79
CA CYS B 212 -10.00 -40.97 -9.41
C CYS B 212 -10.73 -42.19 -8.81
N THR B 213 -11.81 -42.62 -9.46
CA THR B 213 -12.66 -43.73 -9.00
C THR B 213 -13.17 -44.53 -10.18
N CYS B 214 -12.63 -45.72 -10.36
CA CYS B 214 -12.96 -46.58 -11.50
C CYS B 214 -14.46 -46.95 -11.52
N PRO B 215 -15.07 -46.99 -12.72
CA PRO B 215 -14.47 -46.59 -14.00
C PRO B 215 -14.81 -45.14 -14.45
N GLY B 216 -14.95 -44.22 -13.50
CA GLY B 216 -15.30 -42.82 -13.78
C GLY B 216 -14.17 -41.93 -14.28
N ILE B 217 -12.93 -42.38 -14.11
CA ILE B 217 -11.80 -41.67 -14.68
C ILE B 217 -11.25 -42.37 -15.94
N ARG B 218 -11.88 -43.49 -16.31
CA ARG B 218 -11.52 -44.23 -17.53
C ARG B 218 -11.30 -43.25 -18.67
N TYR B 219 -12.31 -42.41 -18.96
CA TYR B 219 -12.19 -41.51 -20.11
C TYR B 219 -10.93 -40.66 -20.00
N LEU B 220 -10.85 -39.91 -18.91
CA LEU B 220 -9.84 -38.88 -18.76
C LEU B 220 -8.43 -39.47 -18.71
N SER B 221 -8.28 -40.56 -17.98
CA SER B 221 -6.99 -41.23 -17.93
C SER B 221 -6.59 -41.74 -19.32
N GLU B 222 -7.52 -42.35 -20.03
CA GLU B 222 -7.19 -42.94 -21.32
C GLU B 222 -6.82 -41.85 -22.34
N TRP B 223 -7.58 -40.76 -22.33
CA TRP B 223 -7.27 -39.56 -23.12
C TRP B 223 -5.84 -39.06 -22.96
N ILE B 224 -5.46 -38.80 -21.72
CA ILE B 224 -4.20 -38.18 -21.47
C ILE B 224 -3.10 -39.11 -21.95
N ASN B 225 -3.24 -40.41 -21.69
CA ASN B 225 -2.23 -41.38 -22.15
C ASN B 225 -2.18 -41.42 -23.67
N LYS B 226 -3.38 -41.28 -24.28
CA LYS B 226 -3.51 -41.16 -25.72
C LYS B 226 -2.99 -39.81 -26.21
N HIS B 227 -3.09 -38.77 -25.37
CA HIS B 227 -2.67 -37.42 -25.76
C HIS B 227 -1.61 -36.78 -24.89
N SER B 228 -0.82 -37.64 -24.22
CA SER B 228 0.22 -37.23 -23.29
C SER B 228 1.09 -36.06 -23.73
N GLY B 229 1.13 -35.78 -25.03
CA GLY B 229 1.88 -34.65 -25.57
C GLY B 229 1.16 -33.30 -25.64
N VAL B 230 -0.16 -33.27 -25.45
CA VAL B 230 -0.91 -32.01 -25.47
C VAL B 230 -1.15 -31.41 -24.05
N VAL B 231 -1.10 -32.24 -23.02
CA VAL B 231 -1.22 -31.75 -21.65
C VAL B 231 0.03 -30.91 -21.20
N ARG B 232 -0.19 -29.70 -20.70
CA ARG B 232 0.93 -28.83 -20.33
C ARG B 232 0.83 -28.44 -18.85
N ASN B 233 1.97 -28.06 -18.27
CA ASN B 233 1.96 -27.64 -16.88
C ASN B 233 1.99 -26.12 -16.92
N SER B 234 1.98 -25.48 -15.76
CA SER B 234 1.93 -24.03 -15.74
C SER B 234 3.18 -23.43 -16.37
N ALA B 235 4.24 -24.21 -16.49
CA ALA B 235 5.48 -23.66 -17.07
C ALA B 235 5.49 -23.79 -18.61
N GLY B 236 4.38 -24.27 -19.17
CA GLY B 236 4.28 -24.52 -20.61
C GLY B 236 5.03 -25.77 -21.12
N SER B 237 5.39 -26.68 -20.21
CA SER B 237 6.13 -27.87 -20.58
C SER B 237 5.18 -29.02 -20.87
N VAL B 238 5.64 -29.96 -21.70
CA VAL B 238 4.93 -31.22 -21.82
C VAL B 238 4.84 -31.90 -20.42
N ALA B 239 3.64 -32.26 -19.97
CA ALA B 239 3.48 -32.75 -18.60
C ALA B 239 2.17 -33.47 -18.34
N PRO B 240 1.99 -34.66 -18.93
CA PRO B 240 0.80 -35.50 -18.75
C PRO B 240 0.48 -35.85 -17.30
N ASP B 241 1.53 -35.92 -16.46
CA ASP B 241 1.42 -36.17 -15.02
C ASP B 241 0.86 -34.98 -14.20
N SER B 242 0.96 -33.75 -14.74
CA SER B 242 0.44 -32.52 -14.10
C SER B 242 -1.02 -32.56 -13.63
N ALA B 243 -1.88 -33.35 -14.29
CA ALA B 243 -3.24 -33.54 -13.72
C ALA B 243 -3.09 -34.57 -12.64
N LYS B 244 -3.65 -34.29 -11.46
CA LYS B 244 -3.44 -35.11 -10.25
C LYS B 244 -4.73 -35.39 -9.47
N CYS B 245 -4.77 -36.52 -8.77
CA CYS B 245 -5.93 -36.95 -7.99
C CYS B 245 -6.10 -36.16 -6.69
N SER B 246 -7.36 -35.86 -6.35
CA SER B 246 -7.69 -35.15 -5.09
C SER B 246 -7.39 -36.04 -3.87
N GLY B 247 -6.51 -35.56 -2.99
CA GLY B 247 -6.13 -36.34 -1.83
C GLY B 247 -4.85 -37.12 -2.03
N SER B 248 -4.84 -38.07 -2.97
CA SER B 248 -3.68 -38.94 -3.16
C SER B 248 -2.51 -38.26 -3.91
N GLY B 249 -2.81 -37.23 -4.69
CA GLY B 249 -1.79 -36.55 -5.48
C GLY B 249 -1.19 -37.42 -6.58
N LYS B 250 -1.77 -38.62 -6.78
CA LYS B 250 -1.32 -39.54 -7.84
C LYS B 250 -1.65 -38.93 -9.21
N PRO B 251 -0.71 -39.03 -10.18
CA PRO B 251 -1.04 -38.66 -11.56
C PRO B 251 -2.33 -39.35 -12.01
N VAL B 252 -3.29 -38.57 -12.51
CA VAL B 252 -4.50 -39.13 -13.14
C VAL B 252 -4.18 -40.02 -14.35
N ARG B 253 -3.11 -39.68 -15.06
CA ARG B 253 -2.76 -40.43 -16.25
C ARG B 253 -2.22 -41.83 -15.91
N SER B 254 -1.76 -42.02 -14.67
CA SER B 254 -1.22 -43.32 -14.24
C SER B 254 -2.25 -44.23 -13.53
N ILE B 255 -3.51 -43.81 -13.52
CA ILE B 255 -4.63 -44.60 -12.97
C ILE B 255 -5.14 -45.55 -14.07
N ILE B 256 -5.41 -46.81 -13.75
CA ILE B 256 -5.86 -47.83 -14.75
C ILE B 256 -7.13 -48.59 -14.29
N CYS B 257 -7.97 -49.06 -15.24
CA CYS B 257 -9.25 -49.75 -14.93
C CYS B 257 -9.48 -51.09 -15.68
N GLY C 1 8.03 2.49 8.54
CA GLY C 1 9.33 2.73 7.82
C GLY C 1 10.41 3.35 8.71
N SER C 2 11.57 3.62 8.14
CA SER C 2 12.69 4.08 8.88
C SER C 2 12.67 5.63 8.71
N LEU C 3 12.46 6.05 7.47
CA LEU C 3 12.27 7.42 7.17
C LEU C 3 10.96 7.94 7.80
N THR C 4 9.90 7.17 7.74
CA THR C 4 8.69 7.59 8.44
C THR C 4 8.91 7.83 9.98
N SER C 5 9.56 6.88 10.64
CA SER C 5 9.74 6.92 12.06
C SER C 5 10.63 8.06 12.48
N SER C 6 11.57 8.34 11.62
CA SER C 6 12.60 9.26 11.91
C SER C 6 12.04 10.68 11.73
N GLU C 7 11.37 10.95 10.58
CA GLU C 7 10.49 12.12 10.45
C GLU C 7 9.56 12.31 11.62
N ARG C 8 8.88 11.25 12.05
CA ARG C 8 7.92 11.39 13.14
C ARG C 8 8.55 11.83 14.52
N ILE C 9 9.75 11.36 14.78
CA ILE C 9 10.52 11.80 15.97
C ILE C 9 11.00 13.24 15.80
N ASP C 10 11.57 13.55 14.62
CA ASP C 10 12.02 14.91 14.28
C ASP C 10 10.88 15.91 14.62
N LYS C 11 9.71 15.56 14.10
CA LYS C 11 8.52 16.35 14.25
C LYS C 11 8.10 16.49 15.70
N GLN C 12 8.25 15.45 16.49
CA GLN C 12 7.75 15.46 17.87
C GLN C 12 8.62 16.36 18.75
N ILE C 13 9.90 16.36 18.46
CA ILE C 13 10.86 17.16 19.14
C ILE C 13 10.60 18.60 18.82
N ARG C 14 10.35 18.90 17.55
CA ARG C 14 10.12 20.28 17.14
C ARG C 14 8.88 20.84 17.79
N TYR C 15 7.88 20.01 17.97
CA TYR C 15 6.70 20.47 18.64
C TYR C 15 6.96 20.82 20.13
N ILE C 16 7.75 19.96 20.83
CA ILE C 16 8.20 20.25 22.18
C ILE C 16 9.04 21.58 22.24
N LEU C 17 9.87 21.80 21.25
CA LEU C 17 10.68 23.01 21.22
C LEU C 17 9.84 24.25 21.13
N ASP C 18 8.86 24.25 20.22
CA ASP C 18 7.94 25.33 20.15
C ASP C 18 7.29 25.56 21.49
N GLY C 19 6.98 24.49 22.21
CA GLY C 19 6.25 24.64 23.46
C GLY C 19 7.14 25.34 24.49
N ILE C 20 8.36 24.83 24.61
CA ILE C 20 9.36 25.34 25.53
C ILE C 20 9.53 26.81 25.26
N SER C 21 9.40 27.21 24.00
CA SER C 21 9.70 28.57 23.68
C SER C 21 8.59 29.43 24.22
N ALA C 22 7.39 28.85 24.30
CA ALA C 22 6.25 29.59 24.82
C ALA C 22 6.41 29.84 26.32
N LEU C 23 6.77 28.79 27.06
CA LEU C 23 6.98 28.88 28.51
C LEU C 23 8.13 29.81 28.85
N ARG C 24 9.18 29.77 28.01
CA ARG C 24 10.29 30.68 28.12
C ARG C 24 9.74 32.09 28.15
N LYS C 25 9.07 32.52 27.07
CA LYS C 25 8.49 33.85 26.96
C LYS C 25 7.73 34.23 28.22
N GLU C 26 6.81 33.38 28.63
CA GLU C 26 5.99 33.69 29.75
C GLU C 26 6.80 33.84 31.04
N THR C 27 7.86 33.05 31.20
CA THR C 27 8.62 33.10 32.45
C THR C 27 9.52 34.29 32.51
N CYS C 28 10.38 34.54 31.52
CA CYS C 28 11.23 35.69 31.72
C CYS C 28 10.56 37.04 31.43
N ASN C 29 9.28 36.96 31.10
CA ASN C 29 8.44 38.13 31.17
C ASN C 29 8.18 38.54 32.64
N LYS C 30 8.58 37.69 33.59
CA LYS C 30 8.37 37.92 35.02
C LYS C 30 9.71 38.01 35.71
N SER C 31 10.65 37.17 35.28
CA SER C 31 11.94 37.04 35.94
C SER C 31 13.05 37.83 35.26
N ASN C 32 12.89 38.09 33.97
CA ASN C 32 13.98 38.64 33.14
C ASN C 32 15.28 37.82 33.24
N MET C 33 15.14 36.53 33.52
CA MET C 33 16.30 35.68 33.78
C MET C 33 17.06 35.18 32.55
N CYS C 34 16.45 35.30 31.37
CA CYS C 34 17.15 34.93 30.13
C CYS C 34 18.28 35.91 29.83
N GLU C 35 19.50 35.37 29.77
CA GLU C 35 20.71 36.12 29.43
C GLU C 35 20.86 36.24 27.92
N ASN C 45 24.61 22.98 40.42
CA ASN C 45 23.83 22.86 41.65
C ASN C 45 22.68 21.92 41.41
N LEU C 46 22.13 22.03 40.20
CA LEU C 46 20.96 21.26 39.79
C LEU C 46 21.30 19.94 39.13
N ASN C 47 22.43 19.89 38.45
CA ASN C 47 22.93 18.63 37.89
C ASN C 47 21.96 18.09 36.80
N LEU C 48 21.53 18.99 35.90
CA LEU C 48 20.54 18.66 34.88
C LEU C 48 21.21 17.96 33.69
N PRO C 49 20.52 17.02 33.02
CA PRO C 49 21.15 16.23 31.95
C PRO C 49 21.76 17.05 30.79
N LYS C 50 23.02 16.80 30.46
CA LYS C 50 23.71 17.61 29.49
C LYS C 50 24.50 16.73 28.50
N MET C 51 24.59 17.14 27.24
CA MET C 51 25.37 16.36 26.27
C MET C 51 26.82 16.74 26.34
N ALA C 52 27.66 15.72 26.42
CA ALA C 52 29.09 15.86 26.40
C ALA C 52 29.60 15.09 25.18
N GLU C 53 30.75 15.54 24.68
CA GLU C 53 31.44 14.90 23.58
C GLU C 53 31.61 13.37 23.74
N LYS C 54 31.86 12.90 24.95
CA LYS C 54 31.90 11.47 25.22
C LYS C 54 30.59 10.67 24.95
N ASP C 55 29.43 11.33 24.86
CA ASP C 55 28.15 10.61 24.71
C ASP C 55 27.88 10.10 23.27
N GLY C 56 28.73 10.50 22.34
CA GLY C 56 28.60 10.08 20.98
C GLY C 56 27.61 10.88 20.15
N CYS C 57 27.06 11.97 20.67
CA CYS C 57 26.10 12.78 19.88
C CYS C 57 26.62 13.92 19.02
N PHE C 58 27.92 14.22 19.01
CA PHE C 58 28.38 15.31 18.15
C PHE C 58 29.12 14.77 16.94
N GLN C 59 29.27 15.62 15.92
CA GLN C 59 29.84 15.25 14.62
C GLN C 59 31.30 14.80 14.68
N SER C 60 31.97 15.18 15.77
CA SER C 60 33.30 14.71 16.07
C SER C 60 33.04 13.74 17.23
N GLY C 61 33.21 12.45 16.99
CA GLY C 61 32.93 11.47 18.04
C GLY C 61 31.56 10.81 17.99
N PHE C 62 30.91 10.97 16.85
CA PHE C 62 29.62 10.37 16.66
C PHE C 62 29.57 8.82 16.84
N ASN C 63 28.60 8.36 17.60
CA ASN C 63 28.33 6.96 17.81
C ASN C 63 26.82 6.68 18.09
N GLU C 64 26.13 6.09 17.10
CA GLU C 64 24.64 5.89 17.12
C GLU C 64 24.10 5.28 18.41
N GLU C 65 24.83 4.28 18.87
CA GLU C 65 24.35 3.45 19.93
C GLU C 65 24.54 4.11 21.29
N THR C 66 25.65 4.79 21.47
CA THR C 66 25.85 5.40 22.79
C THR C 66 25.12 6.74 22.83
N CYS C 67 25.00 7.43 21.69
CA CYS C 67 24.18 8.64 21.60
C CYS C 67 22.74 8.32 21.95
N LEU C 68 22.21 7.31 21.29
CA LEU C 68 20.81 7.02 21.46
C LEU C 68 20.53 6.62 22.92
N VAL C 69 21.42 5.85 23.56
CA VAL C 69 21.22 5.50 25.01
C VAL C 69 21.16 6.74 25.88
N LYS C 70 22.05 7.71 25.62
CA LYS C 70 22.10 8.94 26.35
C LYS C 70 20.84 9.77 26.18
N ILE C 71 20.34 9.81 24.94
CA ILE C 71 19.15 10.63 24.65
C ILE C 71 18.06 10.12 25.51
N ILE C 72 17.77 8.84 25.38
CA ILE C 72 16.73 8.25 26.18
C ILE C 72 16.93 8.38 27.73
N THR C 73 18.17 8.30 28.23
CA THR C 73 18.46 8.36 29.71
C THR C 73 18.25 9.77 30.17
N GLY C 74 18.81 10.74 29.45
CA GLY C 74 18.55 12.13 29.80
C GLY C 74 17.06 12.44 29.80
N LEU C 75 16.36 12.07 28.73
CA LEU C 75 14.96 12.46 28.70
C LEU C 75 14.30 11.89 29.92
N LEU C 76 14.58 10.62 30.24
CA LEU C 76 13.94 10.00 31.42
C LEU C 76 14.28 10.79 32.74
N GLU C 77 15.47 11.37 32.82
CA GLU C 77 15.90 12.18 33.98
C GLU C 77 15.21 13.54 33.98
N PHE C 78 14.93 14.09 32.79
CA PHE C 78 14.20 15.38 32.74
C PHE C 78 12.79 15.31 33.30
N GLU C 79 12.20 14.14 33.27
CA GLU C 79 10.81 14.02 33.61
C GLU C 79 10.39 14.70 34.93
N VAL C 80 11.13 14.43 36.00
CA VAL C 80 10.82 15.03 37.30
C VAL C 80 10.92 16.55 37.26
N TYR C 81 11.79 17.09 36.43
CA TYR C 81 11.90 18.55 36.25
C TYR C 81 10.71 19.12 35.47
N LEU C 82 10.07 18.23 34.71
CA LEU C 82 8.95 18.54 33.90
C LEU C 82 7.71 18.52 34.77
N GLU C 83 7.73 17.64 35.74
CA GLU C 83 6.71 17.59 36.76
C GLU C 83 6.73 18.86 37.61
N TYR C 84 7.93 19.32 37.94
CA TYR C 84 8.13 20.55 38.66
C TYR C 84 7.44 21.72 37.97
N LEU C 85 7.30 21.61 36.64
CA LEU C 85 6.90 22.72 35.82
C LEU C 85 5.40 22.94 35.80
N GLN C 86 4.66 21.93 36.18
CA GLN C 86 3.20 22.00 36.18
C GLN C 86 2.70 23.03 37.19
N ASN C 87 1.70 23.83 36.78
CA ASN C 87 1.15 24.98 37.55
C ASN C 87 2.15 26.07 37.99
N ARG C 88 3.15 26.40 37.17
CA ARG C 88 4.00 27.58 37.43
C ARG C 88 3.82 28.53 36.25
N PHE C 89 2.69 28.33 35.57
CA PHE C 89 2.39 29.03 34.33
C PHE C 89 0.88 29.25 34.23
N GLU C 90 0.53 30.45 33.78
CA GLU C 90 -0.86 30.91 33.86
C GLU C 90 -1.44 31.12 32.46
N SER C 91 -0.73 31.87 31.61
CA SER C 91 -1.18 32.03 30.23
C SER C 91 -0.76 30.84 29.32
N SER C 92 0.31 30.16 29.69
CA SER C 92 0.83 29.10 28.84
C SER C 92 0.87 27.79 29.56
N GLU C 93 -0.26 27.40 30.16
CA GLU C 93 -0.35 26.17 30.97
C GLU C 93 -0.71 24.89 30.20
N GLU C 94 -1.59 25.04 29.19
CA GLU C 94 -1.93 23.96 28.29
C GLU C 94 -0.64 23.45 27.65
N GLN C 95 0.28 24.36 27.39
CA GLN C 95 1.57 24.03 26.84
C GLN C 95 2.44 23.35 27.90
N ALA C 96 2.43 23.90 29.12
CA ALA C 96 3.22 23.32 30.19
C ALA C 96 2.85 21.85 30.26
N ARG C 97 1.54 21.59 30.27
CA ARG C 97 1.02 20.23 30.24
C ARG C 97 1.42 19.41 28.95
N ALA C 98 1.21 19.99 27.77
CA ALA C 98 1.62 19.42 26.48
C ALA C 98 3.13 19.04 26.38
N VAL C 99 4.00 19.93 26.82
CA VAL C 99 5.39 19.61 26.93
C VAL C 99 5.68 18.35 27.78
N GLN C 100 5.01 18.27 28.92
CA GLN C 100 5.19 17.12 29.80
C GLN C 100 4.73 15.85 29.09
N MET C 101 3.62 15.97 28.39
CA MET C 101 2.95 14.78 27.87
C MET C 101 3.62 14.34 26.56
N SER C 102 4.17 15.27 25.80
CA SER C 102 4.73 14.97 24.49
C SER C 102 6.16 14.43 24.59
N THR C 103 6.78 14.68 25.75
CA THR C 103 8.06 14.10 26.14
C THR C 103 7.91 12.62 26.40
N LYS C 104 6.82 12.27 27.08
CA LYS C 104 6.50 10.86 27.26
C LYS C 104 6.35 10.15 25.92
N VAL C 105 5.49 10.68 25.04
CA VAL C 105 5.28 10.10 23.68
C VAL C 105 6.63 9.97 23.05
N LEU C 106 7.42 11.04 23.07
CA LEU C 106 8.77 11.01 22.53
C LEU C 106 9.65 9.83 23.04
N ILE C 107 9.66 9.62 24.35
CA ILE C 107 10.52 8.62 24.94
C ILE C 107 10.05 7.28 24.39
N GLN C 108 8.74 7.14 24.21
CA GLN C 108 8.14 5.93 23.69
C GLN C 108 8.54 5.67 22.24
N PHE C 109 8.71 6.73 21.44
CA PHE C 109 9.15 6.55 20.06
C PHE C 109 10.63 6.14 20.05
N LEU C 110 11.42 6.73 20.91
CA LEU C 110 12.88 6.44 20.96
C LEU C 110 13.14 5.00 21.41
N GLN C 111 12.28 4.45 22.25
CA GLN C 111 12.46 3.09 22.73
C GLN C 111 12.24 2.03 21.65
N LYS C 112 11.26 2.23 20.79
CA LYS C 112 11.05 1.34 19.66
C LYS C 112 12.23 1.38 18.74
N LYS C 113 12.90 2.50 18.65
CA LYS C 113 14.06 2.65 17.82
C LYS C 113 15.32 1.91 18.31
N ALA C 114 15.39 1.49 19.59
CA ALA C 114 16.67 1.06 20.24
C ALA C 114 16.94 -0.43 20.60
N LYS C 115 18.18 -0.71 21.11
CA LYS C 115 18.65 -2.03 21.69
C LYS C 115 19.62 -2.10 22.94
N ASN C 116 19.07 -1.89 24.16
CA ASN C 116 19.71 -2.24 25.48
C ASN C 116 19.26 -1.34 26.67
N THR C 121 18.34 2.77 31.13
CA THR C 121 18.57 2.74 32.60
C THR C 121 17.85 3.86 33.38
N THR C 122 16.74 3.48 34.01
CA THR C 122 15.79 4.40 34.63
C THR C 122 16.24 5.13 35.94
N PRO C 123 15.55 6.24 36.28
CA PRO C 123 15.70 6.89 37.58
C PRO C 123 14.74 6.33 38.67
N ASP C 124 15.23 6.30 39.92
CA ASP C 124 14.47 5.86 41.10
C ASP C 124 13.43 6.91 41.49
N PRO C 125 12.15 6.47 41.64
CA PRO C 125 11.06 7.39 41.96
C PRO C 125 11.24 8.11 43.31
N THR C 126 11.91 7.45 44.27
CA THR C 126 12.00 7.92 45.66
C THR C 126 12.88 9.17 45.83
N THR C 127 14.09 9.15 45.27
CA THR C 127 14.91 10.33 45.17
C THR C 127 14.07 11.46 44.57
N ASN C 128 13.49 11.16 43.41
CA ASN C 128 12.62 12.08 42.68
C ASN C 128 11.43 12.67 43.48
N ALA C 129 10.78 11.87 44.31
CA ALA C 129 9.74 12.40 45.17
C ALA C 129 10.25 13.49 46.17
N SER C 130 11.48 13.35 46.65
CA SER C 130 12.02 14.24 47.66
C SER C 130 12.86 15.37 47.06
N LEU C 131 13.50 15.08 45.94
CA LEU C 131 14.16 16.13 45.16
C LEU C 131 13.11 17.17 44.75
N LEU C 132 11.90 16.68 44.49
CA LEU C 132 10.81 17.51 44.02
C LEU C 132 10.20 18.36 45.11
N THR C 133 10.09 17.82 46.32
CA THR C 133 9.61 18.60 47.44
C THR C 133 10.65 19.65 47.85
N LYS C 134 11.94 19.28 47.81
CA LYS C 134 13.08 20.22 47.96
C LYS C 134 13.10 21.44 47.00
N LEU C 135 12.65 21.26 45.74
CA LEU C 135 12.66 22.37 44.79
C LEU C 135 11.42 23.23 44.99
N GLN C 136 10.34 22.58 45.34
CA GLN C 136 9.08 23.23 45.60
C GLN C 136 9.08 23.98 46.92
N ALA C 137 10.10 23.72 47.75
CA ALA C 137 10.18 24.30 49.12
C ALA C 137 10.89 25.66 49.17
N GLN C 138 11.56 26.01 48.07
CA GLN C 138 12.45 27.14 47.99
C GLN C 138 11.76 28.50 47.85
N ASN C 139 12.50 29.60 47.88
CA ASN C 139 11.86 30.94 47.76
C ASN C 139 11.49 31.26 46.29
N GLN C 140 10.64 32.26 46.07
CA GLN C 140 10.11 32.56 44.73
C GLN C 140 11.24 32.87 43.74
N TRP C 141 12.28 33.59 44.14
CA TRP C 141 13.41 33.81 43.20
C TRP C 141 14.09 32.53 42.83
N LEU C 142 14.39 31.69 43.80
CA LEU C 142 14.95 30.38 43.48
C LEU C 142 13.99 29.58 42.57
N GLN C 143 12.70 29.65 42.85
CA GLN C 143 11.75 28.86 42.10
C GLN C 143 11.84 29.15 40.61
N ASP C 144 11.87 30.44 40.28
CA ASP C 144 12.04 30.93 38.91
C ASP C 144 13.39 30.69 38.29
N MET C 145 14.43 30.70 39.13
CA MET C 145 15.75 30.41 38.67
C MET C 145 15.85 28.92 38.27
N THR C 146 15.17 28.04 39.01
CA THR C 146 15.06 26.60 38.68
C THR C 146 14.34 26.42 37.35
N THR C 147 13.28 27.18 37.13
CA THR C 147 12.50 27.15 35.89
C THR C 147 13.30 27.55 34.66
N HIS C 148 13.89 28.74 34.70
CA HIS C 148 14.74 29.20 33.60
C HIS C 148 15.83 28.22 33.23
N LEU C 149 16.34 27.46 34.22
CA LEU C 149 17.42 26.52 33.97
C LEU C 149 16.89 25.18 33.43
N ILE C 150 15.77 24.71 33.95
CA ILE C 150 15.13 23.60 33.28
C ILE C 150 14.91 23.96 31.80
N LEU C 151 14.16 25.03 31.55
CA LEU C 151 13.80 25.38 30.18
C LEU C 151 15.03 25.49 29.33
N ARG C 152 16.04 26.17 29.83
CA ARG C 152 17.22 26.37 29.04
C ARG C 152 17.91 25.04 28.75
N SER C 153 17.96 24.15 29.71
CA SER C 153 18.85 23.04 29.47
C SER C 153 18.15 21.89 28.74
N PHE C 154 16.83 21.83 28.89
CA PHE C 154 16.03 20.84 28.23
C PHE C 154 16.00 21.19 26.75
N LYS C 155 16.19 22.46 26.46
CA LYS C 155 16.11 23.00 25.12
C LYS C 155 17.39 22.64 24.42
N GLU C 156 18.52 22.98 25.03
CA GLU C 156 19.81 22.61 24.46
C GLU C 156 19.91 21.12 24.26
N PHE C 157 19.41 20.36 25.23
CA PHE C 157 19.37 18.91 25.12
C PHE C 157 18.59 18.38 23.88
N LEU C 158 17.41 18.94 23.62
CA LEU C 158 16.57 18.56 22.50
C LEU C 158 17.26 18.89 21.22
N GLN C 159 17.79 20.11 21.13
CA GLN C 159 18.48 20.52 19.91
C GLN C 159 19.62 19.64 19.50
N SER C 160 20.41 19.25 20.48
CA SER C 160 21.49 18.33 20.32
C SER C 160 20.97 16.93 19.93
N SER C 161 19.89 16.49 20.54
CA SER C 161 19.29 15.21 20.20
C SER C 161 18.76 15.24 18.75
N LEU C 162 18.16 16.38 18.37
CA LEU C 162 17.59 16.58 17.05
C LEU C 162 18.66 16.47 15.96
N ARG C 163 19.80 17.18 16.11
CA ARG C 163 20.86 17.15 15.12
C ARG C 163 21.40 15.74 14.96
N ALA C 164 21.53 15.01 16.06
CA ALA C 164 22.10 13.66 15.97
C ALA C 164 21.12 12.63 15.35
N LEU C 165 19.89 12.62 15.82
CA LEU C 165 18.88 11.75 15.22
C LEU C 165 18.80 11.95 13.68
N ARG C 166 19.17 13.13 13.20
CA ARG C 166 19.07 13.46 11.80
C ARG C 166 20.14 12.75 11.04
N GLN C 167 21.10 12.20 11.78
CA GLN C 167 22.23 11.51 11.16
C GLN C 167 22.27 10.01 11.45
N MET C 168 21.32 9.56 12.26
CA MET C 168 21.11 8.15 12.51
C MET C 168 20.22 7.49 11.47
N LEU D 3 -1.29 -6.19 -28.70
CA LEU D 3 -1.98 -5.28 -27.72
C LEU D 3 -3.04 -5.93 -26.79
N THR D 4 -3.85 -6.91 -27.23
CA THR D 4 -4.62 -7.60 -26.18
C THR D 4 -3.77 -8.56 -25.32
N SER D 5 -2.73 -9.12 -25.92
CA SER D 5 -1.76 -9.90 -25.16
C SER D 5 -0.97 -9.12 -24.12
N SER D 6 -0.78 -7.82 -24.35
CA SER D 6 -0.24 -6.92 -23.34
C SER D 6 -1.21 -6.81 -22.18
N GLU D 7 -2.50 -6.67 -22.49
CA GLU D 7 -3.52 -6.61 -21.46
C GLU D 7 -3.53 -7.88 -20.63
N ARG D 8 -3.33 -9.05 -21.28
CA ARG D 8 -3.37 -10.28 -20.50
C ARG D 8 -2.21 -10.41 -19.47
N ILE D 9 -1.01 -10.05 -19.89
CA ILE D 9 0.16 -10.04 -19.03
C ILE D 9 -0.03 -8.99 -17.90
N ASP D 10 -0.39 -7.78 -18.29
CA ASP D 10 -0.72 -6.74 -17.32
C ASP D 10 -1.63 -7.32 -16.24
N LYS D 11 -2.69 -7.97 -16.68
CA LYS D 11 -3.68 -8.57 -15.79
C LYS D 11 -2.99 -9.58 -14.89
N GLN D 12 -2.17 -10.47 -15.47
CA GLN D 12 -1.52 -11.56 -14.74
C GLN D 12 -0.61 -11.02 -13.62
N ILE D 13 0.17 -9.99 -13.92
CA ILE D 13 0.96 -9.30 -12.92
C ILE D 13 0.12 -8.77 -11.76
N ARG D 14 -1.00 -8.18 -12.10
CA ARG D 14 -1.86 -7.57 -11.12
C ARG D 14 -2.54 -8.64 -10.23
N TYR D 15 -2.76 -9.84 -10.77
CA TYR D 15 -3.29 -10.89 -9.92
C TYR D 15 -2.20 -11.40 -8.93
N ILE D 16 -0.97 -11.48 -9.40
CA ILE D 16 0.10 -11.87 -8.50
C ILE D 16 0.18 -10.88 -7.34
N LEU D 17 0.13 -9.58 -7.62
CA LEU D 17 0.19 -8.52 -6.62
C LEU D 17 -0.87 -8.60 -5.56
N ASP D 18 -2.12 -8.84 -5.94
CA ASP D 18 -3.17 -9.14 -4.94
C ASP D 18 -2.84 -10.37 -4.09
N GLY D 19 -2.32 -11.42 -4.73
CA GLY D 19 -1.96 -12.64 -4.00
C GLY D 19 -0.94 -12.35 -2.90
N ILE D 20 0.08 -11.61 -3.28
CA ILE D 20 1.14 -11.21 -2.41
C ILE D 20 0.62 -10.36 -1.24
N SER D 21 -0.06 -9.27 -1.54
CA SER D 21 -0.71 -8.44 -0.54
C SER D 21 -1.44 -9.24 0.56
N ALA D 22 -2.25 -10.24 0.15
CA ALA D 22 -2.92 -11.15 1.09
C ALA D 22 -1.93 -11.93 1.97
N LEU D 23 -0.79 -12.32 1.43
CA LEU D 23 0.18 -13.08 2.18
C LEU D 23 0.96 -12.17 3.14
N ARG D 24 1.17 -10.92 2.75
CA ARG D 24 1.81 -9.94 3.61
C ARG D 24 0.96 -9.67 4.84
N LYS D 25 -0.32 -9.37 4.67
CA LYS D 25 -1.29 -9.22 5.79
C LYS D 25 -1.24 -10.34 6.79
N GLU D 26 -1.31 -11.58 6.31
CA GLU D 26 -1.32 -12.71 7.25
C GLU D 26 0.00 -12.95 7.95
N THR D 27 1.10 -12.60 7.30
CA THR D 27 2.40 -12.69 7.94
C THR D 27 2.56 -11.57 8.98
N CYS D 28 1.99 -10.40 8.70
CA CYS D 28 1.91 -9.34 9.73
C CYS D 28 1.13 -9.73 10.99
N ASN D 29 -0.04 -10.35 10.86
CA ASN D 29 -0.80 -10.78 12.08
C ASN D 29 -0.06 -11.73 13.06
N LYS D 30 1.10 -12.23 12.65
CA LYS D 30 1.85 -13.24 13.40
C LYS D 30 2.68 -12.64 14.54
N SER D 31 2.87 -11.32 14.52
CA SER D 31 3.64 -10.63 15.57
C SER D 31 3.54 -9.09 15.51
N ASN D 32 4.54 -8.43 16.09
CA ASN D 32 4.72 -6.95 16.15
C ASN D 32 5.46 -6.46 14.96
N MET D 33 5.64 -7.34 13.99
CA MET D 33 6.67 -7.21 12.98
C MET D 33 6.46 -6.06 11.99
N CYS D 34 5.20 -5.71 11.74
CA CYS D 34 4.85 -4.72 10.70
C CYS D 34 4.44 -3.33 11.21
N GLU D 35 4.63 -3.06 12.49
CA GLU D 35 4.50 -1.69 12.96
C GLU D 35 5.52 -0.87 12.14
N SER D 36 5.13 0.37 11.78
CA SER D 36 5.99 1.28 11.05
C SER D 36 7.27 1.65 11.80
N SER D 37 7.31 1.46 13.12
CA SER D 37 8.51 1.74 13.90
C SER D 37 9.47 0.58 13.94
N LYS D 38 9.05 -0.60 13.46
CA LYS D 38 9.97 -1.76 13.44
C LYS D 38 10.93 -1.72 12.25
N GLU D 39 12.16 -2.16 12.49
CA GLU D 39 13.22 -2.23 11.47
C GLU D 39 13.20 -3.57 10.70
N ALA D 40 13.06 -3.45 9.38
CA ALA D 40 12.96 -4.59 8.48
C ALA D 40 14.33 -5.26 8.36
N LEU D 41 14.32 -6.51 7.88
CA LEU D 41 15.53 -7.17 7.37
C LEU D 41 16.30 -6.32 6.32
N ALA D 42 17.62 -6.23 6.48
CA ALA D 42 18.46 -5.59 5.46
C ALA D 42 18.35 -6.37 4.13
N GLU D 43 18.21 -5.63 3.03
CA GLU D 43 18.22 -6.25 1.71
C GLU D 43 19.39 -7.23 1.55
N ASN D 44 20.60 -6.80 1.92
CA ASN D 44 21.82 -7.61 1.71
C ASN D 44 21.86 -8.94 2.49
N ASN D 45 20.77 -9.23 3.20
CA ASN D 45 20.58 -10.57 3.76
C ASN D 45 20.28 -11.57 2.65
N LEU D 46 19.70 -11.05 1.57
CA LEU D 46 19.37 -11.82 0.38
C LEU D 46 19.79 -11.09 -0.90
N ASN D 47 19.97 -11.81 -1.99
CA ASN D 47 20.40 -11.11 -3.21
C ASN D 47 19.24 -10.83 -4.16
N LEU D 48 18.10 -10.44 -3.62
CA LEU D 48 16.87 -10.52 -4.41
C LEU D 48 16.94 -9.66 -5.68
N PRO D 49 16.54 -10.23 -6.85
CA PRO D 49 16.70 -9.50 -8.12
C PRO D 49 16.01 -8.11 -8.07
N LYS D 50 16.62 -7.16 -8.76
CA LYS D 50 16.30 -5.77 -8.61
C LYS D 50 16.66 -5.10 -9.90
N MET D 51 15.81 -4.20 -10.34
CA MET D 51 16.13 -3.43 -11.55
C MET D 51 17.26 -2.41 -11.39
N ALA D 52 18.25 -2.51 -12.26
CA ALA D 52 19.42 -1.65 -12.25
C ALA D 52 19.43 -0.92 -13.59
N GLU D 53 20.18 0.18 -13.69
CA GLU D 53 20.17 1.06 -14.87
C GLU D 53 20.50 0.36 -16.20
N LYS D 54 21.34 -0.68 -16.17
CA LYS D 54 21.80 -1.34 -17.38
C LYS D 54 20.79 -2.33 -17.99
N ASP D 55 19.81 -2.73 -17.20
CA ASP D 55 18.66 -3.52 -17.65
C ASP D 55 17.82 -2.75 -18.70
N GLY D 56 17.83 -1.42 -18.63
CA GLY D 56 17.12 -0.56 -19.56
C GLY D 56 15.64 -0.74 -19.43
N CYS D 57 15.21 -0.99 -18.21
CA CYS D 57 13.83 -1.11 -17.92
C CYS D 57 13.21 0.21 -17.53
N PHE D 58 14.01 1.28 -17.33
CA PHE D 58 13.47 2.63 -16.99
C PHE D 58 13.07 3.46 -18.27
N GLN D 59 12.07 4.33 -18.17
CA GLN D 59 11.61 5.08 -19.34
C GLN D 59 12.79 5.75 -20.04
N SER D 60 13.59 6.46 -19.26
CA SER D 60 14.84 7.02 -19.76
C SER D 60 15.86 5.94 -20.04
N GLY D 61 16.28 5.85 -21.29
CA GLY D 61 17.15 4.77 -21.76
C GLY D 61 16.51 3.40 -21.95
N PHE D 62 15.19 3.36 -22.06
CA PHE D 62 14.42 2.11 -22.27
C PHE D 62 14.89 1.36 -23.49
N ASN D 63 15.21 0.09 -23.27
CA ASN D 63 15.57 -0.87 -24.31
C ASN D 63 14.70 -2.13 -24.08
N GLU D 64 13.59 -2.22 -24.84
CA GLU D 64 12.64 -3.32 -24.76
C GLU D 64 13.29 -4.71 -24.78
N GLU D 65 14.34 -4.83 -25.59
CA GLU D 65 15.00 -6.11 -25.73
C GLU D 65 15.76 -6.54 -24.44
N THR D 66 16.60 -5.68 -23.88
CA THR D 66 17.40 -6.12 -22.71
C THR D 66 16.53 -6.11 -21.46
N CYS D 67 15.49 -5.31 -21.48
CA CYS D 67 14.55 -5.23 -20.37
C CYS D 67 13.71 -6.53 -20.19
N LEU D 68 13.14 -7.07 -21.27
CA LEU D 68 12.44 -8.39 -21.16
C LEU D 68 13.34 -9.51 -20.69
N VAL D 69 14.61 -9.53 -21.12
CA VAL D 69 15.59 -10.53 -20.65
C VAL D 69 15.79 -10.36 -19.13
N LYS D 70 15.94 -9.13 -18.67
CA LYS D 70 15.94 -8.88 -17.21
C LYS D 70 14.65 -9.35 -16.52
N ILE D 71 13.45 -9.03 -17.06
CA ILE D 71 12.20 -9.42 -16.39
C ILE D 71 12.05 -10.94 -16.27
N ILE D 72 12.38 -11.67 -17.32
CA ILE D 72 12.28 -13.11 -17.29
C ILE D 72 13.34 -13.74 -16.36
N THR D 73 14.63 -13.39 -16.56
CA THR D 73 15.75 -13.79 -15.69
C THR D 73 15.35 -13.53 -14.23
N GLY D 74 14.85 -12.31 -13.96
CA GLY D 74 14.47 -11.95 -12.61
C GLY D 74 13.43 -12.89 -12.00
N LEU D 75 12.37 -13.14 -12.75
CA LEU D 75 11.30 -13.92 -12.24
C LEU D 75 11.73 -15.38 -12.03
N LEU D 76 12.68 -15.85 -12.82
CA LEU D 76 13.16 -17.22 -12.62
C LEU D 76 13.93 -17.32 -11.28
N GLU D 77 14.70 -16.28 -10.95
CA GLU D 77 15.45 -16.27 -9.70
C GLU D 77 14.53 -16.21 -8.47
N PHE D 78 13.40 -15.55 -8.63
CA PHE D 78 12.41 -15.50 -7.56
C PHE D 78 11.76 -16.84 -7.28
N GLU D 79 11.75 -17.77 -8.23
CA GLU D 79 11.06 -19.07 -8.03
C GLU D 79 11.46 -19.89 -6.81
N VAL D 80 12.74 -19.96 -6.50
CA VAL D 80 13.14 -20.73 -5.33
C VAL D 80 12.55 -20.13 -4.04
N TYR D 81 12.50 -18.79 -3.95
CA TYR D 81 11.88 -18.08 -2.83
C TYR D 81 10.38 -18.35 -2.69
N LEU D 82 9.66 -18.56 -3.81
CA LEU D 82 8.20 -18.92 -3.70
C LEU D 82 7.97 -20.38 -3.26
N GLU D 83 8.95 -21.21 -3.55
CA GLU D 83 9.06 -22.55 -2.96
C GLU D 83 9.16 -22.46 -1.44
N TYR D 84 10.15 -21.72 -0.96
CA TYR D 84 10.24 -21.38 0.46
C TYR D 84 8.93 -20.96 1.06
N LEU D 85 8.21 -20.11 0.34
CA LEU D 85 6.97 -19.56 0.86
C LEU D 85 5.85 -20.57 1.11
N GLN D 86 5.88 -21.70 0.40
CA GLN D 86 4.82 -22.73 0.53
C GLN D 86 4.65 -23.26 1.95
N ASN D 87 5.77 -23.50 2.63
CA ASN D 87 5.72 -23.97 4.02
C ASN D 87 5.43 -22.91 5.08
N ARG D 88 5.32 -21.65 4.69
CA ARG D 88 5.21 -20.54 5.64
C ARG D 88 3.78 -20.10 5.84
N PHE D 89 2.83 -20.78 5.21
CA PHE D 89 1.42 -20.41 5.39
C PHE D 89 0.55 -21.63 5.66
N GLU D 90 0.62 -22.14 6.89
CA GLU D 90 -0.23 -23.26 7.31
C GLU D 90 -1.71 -22.85 7.33
N SER D 91 -1.95 -21.56 7.08
CA SER D 91 -3.24 -20.91 7.23
C SER D 91 -3.85 -20.49 5.88
N SER D 92 -2.96 -20.33 4.89
CA SER D 92 -3.27 -19.84 3.54
C SER D 92 -2.53 -20.63 2.43
N GLU D 93 -2.60 -21.96 2.49
CA GLU D 93 -1.96 -22.85 1.52
C GLU D 93 -2.32 -22.39 0.11
N GLU D 94 -3.62 -22.31 -0.16
CA GLU D 94 -4.13 -22.07 -1.53
C GLU D 94 -3.62 -20.79 -2.13
N GLN D 95 -3.63 -19.71 -1.33
CA GLN D 95 -3.14 -18.42 -1.78
C GLN D 95 -1.66 -18.45 -2.15
N ALA D 96 -0.81 -18.99 -1.27
CA ALA D 96 0.60 -19.24 -1.57
C ALA D 96 0.87 -20.10 -2.84
N ARG D 97 0.07 -21.16 -3.01
CA ARG D 97 0.20 -22.07 -4.16
C ARG D 97 -0.07 -21.26 -5.44
N ALA D 98 -1.17 -20.50 -5.38
CA ALA D 98 -1.59 -19.63 -6.48
C ALA D 98 -0.53 -18.56 -6.88
N VAL D 99 0.27 -18.05 -5.93
CA VAL D 99 1.16 -16.98 -6.32
C VAL D 99 2.27 -17.66 -7.10
N GLN D 100 2.61 -18.86 -6.67
CA GLN D 100 3.70 -19.63 -7.29
C GLN D 100 3.31 -20.16 -8.71
N MET D 101 2.10 -20.71 -8.82
CA MET D 101 1.50 -21.13 -10.10
C MET D 101 1.36 -19.95 -11.10
N SER D 102 0.67 -18.90 -10.68
CA SER D 102 0.54 -17.71 -11.52
C SER D 102 1.85 -17.12 -12.03
N THR D 103 2.91 -17.25 -11.25
CA THR D 103 4.19 -16.67 -11.64
C THR D 103 4.82 -17.48 -12.76
N LYS D 104 4.55 -18.79 -12.72
CA LYS D 104 4.97 -19.69 -13.77
C LYS D 104 4.20 -19.38 -15.07
N VAL D 105 2.94 -18.98 -14.97
CA VAL D 105 2.10 -18.65 -16.12
C VAL D 105 2.64 -17.41 -16.78
N LEU D 106 2.78 -16.33 -16.02
CA LEU D 106 3.41 -15.12 -16.44
C LEU D 106 4.71 -15.33 -17.16
N ILE D 107 5.61 -16.10 -16.58
CA ILE D 107 6.92 -16.32 -17.19
C ILE D 107 6.78 -16.89 -18.59
N GLN D 108 5.81 -17.76 -18.80
CA GLN D 108 5.53 -18.38 -20.09
C GLN D 108 5.03 -17.37 -21.07
N PHE D 109 4.08 -16.51 -20.64
CA PHE D 109 3.63 -15.37 -21.48
C PHE D 109 4.83 -14.55 -21.94
N LEU D 110 5.70 -14.20 -21.01
CA LEU D 110 6.84 -13.35 -21.35
C LEU D 110 7.78 -14.02 -22.30
N GLN D 111 7.92 -15.34 -22.18
CA GLN D 111 8.83 -16.05 -23.05
C GLN D 111 8.39 -16.09 -24.53
N LYS D 112 7.12 -15.92 -24.77
CA LYS D 112 6.59 -15.83 -26.12
C LYS D 112 6.88 -14.50 -26.84
N LYS D 113 7.26 -13.47 -26.05
CA LYS D 113 7.50 -12.14 -26.61
C LYS D 113 8.94 -11.87 -26.80
N ALA D 114 9.81 -12.73 -26.29
CA ALA D 114 11.24 -12.45 -26.32
C ALA D 114 11.92 -12.99 -27.58
N LYS D 115 12.77 -12.17 -28.21
CA LYS D 115 13.62 -12.62 -29.32
C LYS D 115 14.45 -13.84 -28.96
N ASN D 116 15.56 -13.62 -28.24
CA ASN D 116 16.44 -14.72 -27.80
C ASN D 116 16.03 -15.30 -26.46
N LEU D 117 15.68 -16.57 -26.48
CA LEU D 117 15.47 -17.29 -25.24
C LEU D 117 16.84 -17.67 -24.70
N ASP D 118 17.88 -17.25 -25.42
CA ASP D 118 19.24 -17.67 -25.15
C ASP D 118 19.99 -16.66 -24.30
N ALA D 119 19.60 -15.39 -24.36
CA ALA D 119 20.18 -14.32 -23.55
C ALA D 119 19.80 -14.40 -22.03
N ILE D 120 18.74 -15.18 -21.74
CA ILE D 120 18.18 -15.41 -20.41
C ILE D 120 19.07 -16.25 -19.45
N THR D 121 19.40 -15.72 -18.26
CA THR D 121 20.16 -16.47 -17.20
C THR D 121 19.28 -17.33 -16.29
N THR D 122 19.24 -18.63 -16.60
CA THR D 122 18.47 -19.61 -15.83
C THR D 122 19.25 -20.02 -14.58
N PRO D 123 18.56 -20.09 -13.43
CA PRO D 123 19.16 -20.46 -12.12
C PRO D 123 19.73 -21.88 -12.03
N ASP D 124 20.98 -22.00 -11.55
CA ASP D 124 21.53 -23.31 -11.19
C ASP D 124 20.64 -24.04 -10.17
N PRO D 125 20.07 -25.21 -10.56
CA PRO D 125 19.17 -25.96 -9.68
C PRO D 125 19.77 -26.44 -8.36
N THR D 126 21.10 -26.68 -8.33
CA THR D 126 21.79 -27.26 -7.17
C THR D 126 22.03 -26.21 -6.11
N THR D 127 22.63 -25.10 -6.54
CA THR D 127 22.81 -23.94 -5.70
C THR D 127 21.48 -23.65 -4.98
N ASN D 128 20.36 -23.88 -5.66
CA ASN D 128 19.05 -23.57 -5.10
C ASN D 128 18.60 -24.42 -3.94
N ALA D 129 18.99 -25.69 -3.98
CA ALA D 129 18.55 -26.69 -2.99
C ALA D 129 19.23 -26.46 -1.64
N SER D 130 20.50 -26.11 -1.69
CA SER D 130 21.20 -25.83 -0.46
C SER D 130 20.67 -24.48 0.13
N LEU D 131 20.30 -23.56 -0.75
CA LEU D 131 19.86 -22.22 -0.39
C LEU D 131 18.57 -22.30 0.42
N LEU D 132 17.69 -23.17 -0.04
CA LEU D 132 16.43 -23.51 0.56
C LEU D 132 16.61 -24.16 1.90
N THR D 133 17.65 -24.97 2.01
CA THR D 133 17.98 -25.66 3.29
C THR D 133 18.41 -24.63 4.30
N LYS D 134 19.30 -23.75 3.87
CA LYS D 134 19.70 -22.58 4.63
C LYS D 134 18.51 -21.72 5.13
N LEU D 135 17.55 -21.39 4.28
CA LEU D 135 16.38 -20.61 4.73
C LEU D 135 15.51 -21.29 5.79
N GLN D 136 15.37 -22.60 5.66
CA GLN D 136 14.60 -23.38 6.58
C GLN D 136 15.31 -23.66 7.92
N ALA D 137 16.65 -23.54 7.94
CA ALA D 137 17.44 -23.78 9.16
C ALA D 137 17.44 -22.54 10.12
N GLN D 138 16.76 -21.44 9.75
CA GLN D 138 16.77 -20.20 10.54
C GLN D 138 15.69 -20.20 11.61
N ASN D 139 15.91 -19.42 12.65
CA ASN D 139 14.97 -19.44 13.71
C ASN D 139 13.70 -18.86 13.13
N GLN D 140 12.58 -19.14 13.79
CA GLN D 140 11.24 -18.91 13.32
C GLN D 140 10.91 -17.44 13.17
N TRP D 141 11.38 -16.61 14.11
CA TRP D 141 11.22 -15.15 13.92
C TRP D 141 11.96 -14.71 12.67
N LEU D 142 13.17 -15.15 12.49
CA LEU D 142 13.91 -14.79 11.34
C LEU D 142 13.25 -15.23 10.00
N GLN D 143 12.55 -16.36 9.99
CA GLN D 143 11.87 -16.92 8.81
C GLN D 143 10.66 -16.05 8.46
N ASP D 144 9.91 -15.61 9.46
CA ASP D 144 8.90 -14.57 9.26
C ASP D 144 9.49 -13.27 8.65
N MET D 145 10.71 -12.88 9.08
CA MET D 145 11.34 -11.64 8.57
C MET D 145 11.70 -11.85 7.10
N THR D 146 12.43 -12.93 6.83
CA THR D 146 12.75 -13.40 5.52
C THR D 146 11.51 -13.38 4.59
N THR D 147 10.43 -14.05 4.99
CA THR D 147 9.17 -14.00 4.29
C THR D 147 8.77 -12.55 3.98
N HIS D 148 8.84 -11.68 4.99
CA HIS D 148 8.44 -10.30 4.78
C HIS D 148 9.27 -9.62 3.72
N LEU D 149 10.56 -9.94 3.71
CA LEU D 149 11.53 -9.42 2.77
C LEU D 149 11.40 -9.93 1.31
N ILE D 150 11.09 -11.22 1.16
CA ILE D 150 10.81 -11.83 -0.11
C ILE D 150 9.59 -11.15 -0.74
N LEU D 151 8.51 -11.12 0.00
CA LEU D 151 7.27 -10.55 -0.43
C LEU D 151 7.41 -9.08 -0.82
N ARG D 152 7.90 -8.22 0.08
CA ARG D 152 8.16 -6.81 -0.34
C ARG D 152 9.00 -6.74 -1.62
N SER D 153 10.05 -7.54 -1.67
CA SER D 153 11.00 -7.45 -2.76
C SER D 153 10.38 -7.85 -4.15
N PHE D 154 9.49 -8.85 -4.11
CA PHE D 154 8.87 -9.44 -5.28
C PHE D 154 7.80 -8.44 -5.81
N LYS D 155 6.94 -7.94 -4.92
CA LYS D 155 6.16 -6.72 -5.17
C LYS D 155 6.99 -5.62 -5.88
N GLU D 156 8.08 -5.16 -5.25
CA GLU D 156 8.84 -4.11 -5.89
C GLU D 156 9.25 -4.44 -7.33
N PHE D 157 9.74 -5.67 -7.58
CA PHE D 157 10.20 -6.12 -8.91
C PHE D 157 9.05 -6.23 -9.90
N LEU D 158 7.90 -6.71 -9.45
CA LEU D 158 6.67 -6.75 -10.20
C LEU D 158 6.18 -5.38 -10.66
N GLN D 159 6.07 -4.45 -9.75
CA GLN D 159 5.64 -3.09 -10.12
C GLN D 159 6.54 -2.49 -11.16
N SER D 160 7.83 -2.73 -11.04
CA SER D 160 8.74 -2.24 -12.05
C SER D 160 8.65 -2.97 -13.41
N SER D 161 8.37 -4.28 -13.36
CA SER D 161 8.16 -5.06 -14.56
C SER D 161 6.92 -4.51 -15.31
N LEU D 162 5.92 -4.11 -14.51
CA LEU D 162 4.62 -3.74 -15.04
C LEU D 162 4.74 -2.43 -15.79
N ARG D 163 5.37 -1.44 -15.15
CA ARG D 163 5.50 -0.17 -15.82
C ARG D 163 6.32 -0.34 -17.08
N ALA D 164 7.34 -1.19 -17.01
CA ALA D 164 8.12 -1.40 -18.21
C ALA D 164 7.31 -2.10 -19.29
N LEU D 165 6.42 -3.01 -18.89
CA LEU D 165 5.65 -3.75 -19.89
C LEU D 165 4.61 -2.87 -20.59
N ARG D 166 4.18 -1.80 -19.92
CA ARG D 166 3.21 -0.84 -20.47
C ARG D 166 3.84 0.12 -21.47
N GLN D 167 5.18 0.09 -21.58
CA GLN D 167 5.86 0.88 -22.60
C GLN D 167 6.23 -0.01 -23.79
N MET D 168 6.38 -1.32 -23.58
CA MET D 168 6.66 -2.23 -24.70
C MET D 168 5.51 -2.16 -25.69
#